data_4NTM
#
_entry.id   4NTM
#
_cell.length_a   111.297
_cell.length_b   111.297
_cell.length_c   126.047
_cell.angle_alpha   90.00
_cell.angle_beta   90.00
_cell.angle_gamma   90.00
#
_symmetry.space_group_name_H-M   'P 41 21 2'
#
loop_
_entity.id
_entity.type
_entity.pdbx_description
1 polymer '6-carboxy-5,6,7,8-tetrahydropterin synthase'
2 non-polymer 'ZINC ION'
3 non-polymer '(6R)-2-amino-4-oxo-3,4,5,6,7,8-hexahydropteridine-6-carboxylic acid'
4 water water
#
_entity_poly.entity_id   1
_entity_poly.type   'polypeptide(L)'
_entity_poly.pdbx_seq_one_letter_code
;(MSE)(MSE)STTLFKDFTFEAAHRLPHVPEGHKCGRLHGHSF(MSE)VRLEITGEVDPHTGWIIDFAELKAAFKPTYER
LDHHYLNDIPGLENPTSEVLAKWIWDQVKPVVPLLSAV(MSE)VKETCTAGCIYRGE
;
_entity_poly.pdbx_strand_id   A,B,C,D,E,F
#
# COMPACT_ATOMS: atom_id res chain seq x y z
N SER A 3 18.18 -22.39 3.13
CA SER A 3 17.01 -22.18 3.98
C SER A 3 15.83 -21.55 3.24
N THR A 4 14.63 -21.98 3.61
CA THR A 4 13.39 -21.48 3.02
C THR A 4 12.42 -21.10 4.13
N THR A 5 11.83 -19.92 3.96
CA THR A 5 10.96 -19.33 4.95
C THR A 5 9.61 -19.02 4.31
N LEU A 6 8.57 -19.02 5.13
CA LEU A 6 7.23 -18.79 4.66
C LEU A 6 6.56 -17.87 5.68
N PHE A 7 5.79 -16.88 5.23
CA PHE A 7 5.00 -16.04 6.14
C PHE A 7 3.57 -15.77 5.66
N LYS A 8 2.73 -15.38 6.61
CA LYS A 8 1.32 -15.06 6.33
C LYS A 8 0.86 -13.96 7.27
N ASP A 9 0.22 -12.93 6.72
CA ASP A 9 -0.26 -11.79 7.50
C ASP A 9 -1.73 -11.90 7.83
N PHE A 10 -2.09 -11.37 9.00
CA PHE A 10 -3.48 -11.32 9.46
C PHE A 10 -3.69 -9.97 10.12
N THR A 11 -4.90 -9.43 9.99
CA THR A 11 -5.25 -8.18 10.63
C THR A 11 -6.46 -8.40 11.51
N PHE A 12 -6.42 -7.87 12.72
CA PHE A 12 -7.56 -7.96 13.61
C PHE A 12 -7.84 -6.60 14.25
N GLU A 13 -9.13 -6.32 14.46
CA GLU A 13 -9.57 -5.03 14.96
C GLU A 13 -9.86 -5.16 16.45
N ALA A 14 -9.12 -4.43 17.28
CA ALA A 14 -9.19 -4.63 18.73
C ALA A 14 -9.01 -3.34 19.52
N ALA A 15 -9.51 -3.35 20.75
CA ALA A 15 -9.33 -2.25 21.69
C ALA A 15 -8.28 -2.61 22.74
N HIS A 16 -7.49 -1.63 23.17
CA HIS A 16 -6.51 -1.84 24.24
C HIS A 16 -6.13 -0.53 24.92
N ARG A 17 -5.37 -0.63 26.00
CA ARG A 17 -4.69 0.51 26.59
C ARG A 17 -3.65 0.03 27.61
N LEU A 18 -2.65 0.86 27.85
CA LEU A 18 -1.48 0.47 28.64
C LEU A 18 -1.57 1.01 30.07
N PRO A 19 -1.40 0.15 31.10
CA PRO A 19 -1.54 0.60 32.48
C PRO A 19 -0.31 1.31 33.07
N HIS A 20 0.77 1.44 32.31
CA HIS A 20 2.02 2.04 32.80
C HIS A 20 2.62 2.99 31.77
N CYS A 27 -2.19 7.52 25.66
CA CYS A 27 -1.51 6.25 25.61
C CYS A 27 -2.18 5.23 26.53
N GLY A 28 -2.38 5.64 27.78
CA GLY A 28 -3.13 4.83 28.76
C GLY A 28 -4.62 5.07 28.72
N ARG A 29 -5.06 5.97 27.84
CA ARG A 29 -6.48 6.17 27.57
C ARG A 29 -7.02 5.02 26.72
N LEU A 30 -8.30 4.72 26.91
CA LEU A 30 -8.98 3.65 26.17
C LEU A 30 -8.99 3.96 24.68
N HIS A 31 -8.52 3.01 23.87
CA HIS A 31 -8.46 3.17 22.42
C HIS A 31 -8.29 1.82 21.73
N GLY A 32 -8.00 1.82 20.42
CA GLY A 32 -7.86 0.58 19.66
C GLY A 32 -6.97 0.74 18.43
N HIS A 33 -6.74 -0.38 17.74
CA HIS A 33 -5.92 -0.41 16.54
C HIS A 33 -6.43 -1.45 15.55
N SER A 34 -6.09 -1.26 14.28
CA SER A 34 -6.14 -2.34 13.29
C SER A 34 -4.80 -3.06 13.40
N PHE A 35 -4.72 -4.01 14.31
CA PHE A 35 -3.49 -4.76 14.57
C PHE A 35 -3.16 -5.67 13.40
N VAL A 37 -0.63 -8.82 12.22
CA VAL A 37 0.30 -9.86 12.68
C VAL A 37 0.83 -10.70 11.51
N ARG A 38 2.14 -10.90 11.49
CA ARG A 38 2.77 -11.79 10.52
C ARG A 38 3.30 -13.01 11.25
N LEU A 39 2.93 -14.20 10.77
CA LEU A 39 3.49 -15.44 11.28
C LEU A 39 4.54 -15.94 10.31
N GLU A 40 5.75 -16.13 10.80
CA GLU A 40 6.85 -16.62 9.99
C GLU A 40 7.18 -18.05 10.36
N ILE A 41 7.45 -18.86 9.33
CA ILE A 41 7.75 -20.27 9.47
C ILE A 41 9.02 -20.59 8.69
N THR A 42 9.86 -21.45 9.26
CA THR A 42 11.03 -21.95 8.56
C THR A 42 10.98 -23.46 8.53
N GLY A 43 11.48 -24.06 7.46
CA GLY A 43 11.45 -25.51 7.31
C GLY A 43 11.80 -25.97 5.90
N GLU A 44 11.80 -27.28 5.70
CA GLU A 44 12.12 -27.90 4.42
C GLU A 44 10.89 -27.91 3.53
N VAL A 45 11.11 -27.70 2.23
CA VAL A 45 10.02 -27.78 1.26
C VAL A 45 9.96 -29.22 0.73
N ASP A 46 8.77 -29.77 0.80
CA ASP A 46 8.53 -31.15 0.41
C ASP A 46 8.71 -31.28 -1.10
N PRO A 47 9.46 -32.30 -1.55
CA PRO A 47 9.63 -32.46 -2.99
C PRO A 47 8.34 -32.82 -3.75
N HIS A 48 7.35 -33.40 -3.06
CA HIS A 48 6.06 -33.69 -3.70
C HIS A 48 5.11 -32.48 -3.73
N THR A 49 4.81 -31.90 -2.59
CA THR A 49 3.89 -30.76 -2.53
C THR A 49 4.51 -29.46 -3.05
N GLY A 50 5.84 -29.38 -3.00
CA GLY A 50 6.55 -28.18 -3.43
C GLY A 50 6.40 -27.00 -2.48
N TRP A 51 5.91 -27.26 -1.27
CA TRP A 51 5.83 -26.22 -0.24
C TRP A 51 6.27 -26.77 1.11
N ILE A 52 6.39 -25.87 2.09
CA ILE A 52 6.68 -26.27 3.46
C ILE A 52 5.36 -26.77 4.04
N ILE A 53 4.39 -25.86 4.14
CA ILE A 53 3.01 -26.18 4.48
C ILE A 53 2.12 -25.21 3.71
N ASP A 54 0.87 -25.61 3.48
CA ASP A 54 -0.10 -24.76 2.78
C ASP A 54 -0.36 -23.49 3.59
N PHE A 55 -0.46 -22.35 2.91
CA PHE A 55 -0.83 -21.09 3.54
C PHE A 55 -2.16 -21.20 4.30
N ALA A 56 -3.14 -21.89 3.70
CA ALA A 56 -4.45 -22.09 4.34
C ALA A 56 -4.33 -22.89 5.64
N GLU A 57 -3.40 -23.83 5.69
CA GLU A 57 -3.13 -24.59 6.90
C GLU A 57 -2.64 -23.67 8.04
N LEU A 58 -1.83 -22.67 7.67
CA LEU A 58 -1.35 -21.68 8.63
C LEU A 58 -2.47 -20.76 9.09
N LYS A 59 -3.39 -20.41 8.19
CA LYS A 59 -4.58 -19.67 8.57
C LYS A 59 -5.35 -20.46 9.62
N ALA A 60 -5.69 -21.71 9.28
CA ALA A 60 -6.50 -22.57 10.14
C ALA A 60 -5.89 -22.71 11.54
N ALA A 61 -4.60 -22.97 11.60
CA ALA A 61 -3.91 -23.14 12.89
C ALA A 61 -3.96 -21.89 13.77
N PHE A 62 -3.91 -20.70 13.14
CA PHE A 62 -3.91 -19.42 13.84
C PHE A 62 -5.32 -18.94 14.21
N LYS A 63 -6.33 -19.47 13.54
CA LYS A 63 -7.69 -18.96 13.63
C LYS A 63 -8.27 -18.91 15.06
N PRO A 64 -7.99 -19.95 15.88
CA PRO A 64 -8.51 -19.91 17.26
C PRO A 64 -7.94 -18.76 18.09
N THR A 65 -6.65 -18.50 17.94
CA THR A 65 -6.00 -17.38 18.62
C THR A 65 -6.51 -16.06 18.02
N TYR A 66 -6.61 -16.03 16.69
CA TYR A 66 -7.16 -14.88 15.98
C TYR A 66 -8.51 -14.43 16.52
N GLU A 67 -9.44 -15.36 16.65
CA GLU A 67 -10.82 -15.04 17.07
C GLU A 67 -10.94 -14.53 18.50
N ARG A 68 -9.96 -14.86 19.34
CA ARG A 68 -9.88 -14.28 20.69
C ARG A 68 -9.44 -12.82 20.64
N LEU A 69 -8.69 -12.45 19.60
CA LEU A 69 -8.15 -11.11 19.46
C LEU A 69 -9.08 -10.17 18.69
N ASP A 70 -9.65 -10.68 17.59
CA ASP A 70 -10.44 -9.88 16.66
C ASP A 70 -11.78 -9.44 17.25
N HIS A 71 -12.05 -8.14 17.14
CA HIS A 71 -13.26 -7.51 17.71
C HIS A 71 -13.42 -7.78 19.19
N HIS A 72 -12.33 -7.59 19.93
CA HIS A 72 -12.31 -7.80 21.38
C HIS A 72 -11.45 -6.75 22.09
N TYR A 73 -11.59 -6.69 23.41
CA TYR A 73 -10.81 -5.82 24.29
C TYR A 73 -9.64 -6.63 24.85
N LEU A 74 -8.43 -6.28 24.45
CA LEU A 74 -7.24 -7.12 24.72
C LEU A 74 -6.91 -7.21 26.21
N ASN A 75 -7.18 -6.15 26.95
CA ASN A 75 -6.81 -6.09 28.37
C ASN A 75 -7.49 -7.14 29.26
N ASP A 76 -8.67 -7.61 28.86
CA ASP A 76 -9.39 -8.65 29.60
C ASP A 76 -8.89 -10.09 29.33
N ILE A 77 -8.00 -10.26 28.36
CA ILE A 77 -7.50 -11.60 28.01
C ILE A 77 -6.35 -12.02 28.94
N PRO A 78 -6.44 -13.25 29.51
CA PRO A 78 -5.34 -13.78 30.33
C PRO A 78 -3.97 -13.66 29.64
N GLY A 79 -3.03 -13.00 30.30
CA GLY A 79 -1.68 -12.81 29.77
C GLY A 79 -1.43 -11.47 29.09
N LEU A 80 -2.49 -10.77 28.71
CA LEU A 80 -2.39 -9.48 28.02
C LEU A 80 -2.87 -8.34 28.93
N GLU A 81 -2.41 -8.35 30.17
CA GLU A 81 -2.80 -7.33 31.14
C GLU A 81 -2.12 -6.00 30.81
N ASN A 82 -0.89 -6.10 30.29
CA ASN A 82 -0.16 -4.96 29.75
C ASN A 82 0.06 -5.22 28.26
N PRO A 83 -0.95 -4.94 27.42
CA PRO A 83 -0.93 -5.34 26.02
C PRO A 83 -0.09 -4.44 25.10
N THR A 84 1.23 -4.44 25.33
CA THR A 84 2.14 -3.77 24.42
C THR A 84 2.37 -4.71 23.24
N SER A 85 2.87 -4.16 22.15
CA SER A 85 3.16 -4.95 20.97
C SER A 85 4.19 -6.03 21.30
N GLU A 86 5.22 -5.66 22.08
CA GLU A 86 6.21 -6.63 22.57
C GLU A 86 5.53 -7.81 23.26
N VAL A 87 4.71 -7.47 24.25
CA VAL A 87 3.97 -8.47 25.02
C VAL A 87 3.04 -9.29 24.13
N LEU A 88 2.36 -8.60 23.21
CA LEU A 88 1.41 -9.23 22.30
C LEU A 88 2.08 -10.18 21.30
N ALA A 89 3.25 -9.78 20.78
CA ALA A 89 4.00 -10.62 19.86
C ALA A 89 4.47 -11.91 20.53
N LYS A 90 5.02 -11.77 21.73
CA LYS A 90 5.44 -12.91 22.55
C LYS A 90 4.25 -13.75 23.01
N TRP A 91 3.14 -13.08 23.32
CA TRP A 91 1.92 -13.78 23.70
C TRP A 91 1.46 -14.66 22.55
N ILE A 92 1.35 -14.06 21.37
CA ILE A 92 0.94 -14.77 20.17
C ILE A 92 1.86 -15.96 19.90
N TRP A 93 3.18 -15.75 20.08
CA TRP A 93 4.15 -16.83 19.88
C TRP A 93 3.82 -18.03 20.77
N ASP A 94 3.59 -17.76 22.05
CA ASP A 94 3.28 -18.82 23.02
C ASP A 94 1.99 -19.57 22.69
N GLN A 95 1.00 -18.85 22.16
CA GLN A 95 -0.28 -19.46 21.78
C GLN A 95 -0.13 -20.32 20.51
N VAL A 96 0.66 -19.85 19.55
CA VAL A 96 0.71 -20.45 18.21
C VAL A 96 1.78 -21.54 18.06
N LYS A 97 2.92 -21.38 18.74
CA LYS A 97 4.03 -22.34 18.66
C LYS A 97 3.60 -23.82 18.81
N PRO A 98 2.81 -24.15 19.85
CA PRO A 98 2.44 -25.57 19.99
C PRO A 98 1.66 -26.11 18.79
N VAL A 99 0.84 -25.26 18.17
CA VAL A 99 0.03 -25.67 17.02
C VAL A 99 0.87 -25.65 15.75
N VAL A 100 1.74 -24.65 15.60
CA VAL A 100 2.63 -24.53 14.44
C VAL A 100 4.09 -24.64 14.90
N PRO A 101 4.66 -25.87 14.91
CA PRO A 101 6.01 -26.08 15.47
C PRO A 101 7.12 -25.35 14.71
N LEU A 102 6.97 -25.21 13.40
CA LEU A 102 7.99 -24.59 12.56
C LEU A 102 8.03 -23.06 12.65
N LEU A 103 7.19 -22.48 13.51
CA LEU A 103 7.17 -21.03 13.75
C LEU A 103 8.56 -20.51 14.09
N SER A 104 9.00 -19.49 13.36
CA SER A 104 10.34 -18.92 13.52
C SER A 104 10.35 -17.44 13.94
N ALA A 105 9.26 -16.71 13.66
CA ALA A 105 9.13 -15.33 14.10
C ALA A 105 7.66 -14.90 14.16
N VAL A 106 7.37 -13.92 15.02
CA VAL A 106 6.06 -13.30 15.10
C VAL A 106 6.24 -11.79 15.18
N VAL A 108 4.17 -8.13 15.24
CA VAL A 108 2.90 -7.41 15.32
C VAL A 108 3.13 -5.94 15.04
N LYS A 109 2.30 -5.39 14.16
CA LYS A 109 2.31 -3.98 13.84
C LYS A 109 1.08 -3.33 14.50
N GLU A 110 1.34 -2.32 15.32
CA GLU A 110 0.28 -1.59 16.00
C GLU A 110 -0.39 -0.64 15.01
N THR A 111 0.44 0.09 14.26
CA THR A 111 0.01 0.93 13.16
C THR A 111 0.76 0.50 11.91
N CYS A 112 0.52 1.20 10.79
CA CYS A 112 1.28 0.98 9.56
C CYS A 112 2.76 1.32 9.71
N THR A 113 3.09 2.24 10.62
CA THR A 113 4.45 2.77 10.75
C THR A 113 5.23 2.28 11.98
N ALA A 114 4.68 1.34 12.74
CA ALA A 114 5.33 0.89 13.98
C ALA A 114 5.11 -0.59 14.23
N GLY A 115 6.12 -1.26 14.78
CA GLY A 115 6.03 -2.70 15.01
C GLY A 115 7.11 -3.32 15.86
N CYS A 116 6.90 -4.59 16.17
CA CYS A 116 7.79 -5.40 16.98
C CYS A 116 7.88 -6.79 16.39
N ILE A 117 9.10 -7.35 16.36
CA ILE A 117 9.33 -8.71 15.87
C ILE A 117 9.91 -9.55 17.01
N TYR A 118 9.31 -10.69 17.29
CA TYR A 118 9.75 -11.56 18.39
C TYR A 118 10.18 -12.94 17.88
N ARG A 119 11.24 -13.48 18.50
CA ARG A 119 11.75 -14.82 18.21
C ARG A 119 12.00 -15.59 19.51
N GLY A 120 11.19 -16.62 19.76
CA GLY A 120 11.32 -17.45 20.95
C GLY A 120 12.35 -18.54 20.79
N SER B 3 27.14 -4.62 7.89
CA SER B 3 26.71 -5.15 6.60
C SER B 3 25.72 -4.22 5.92
N THR B 4 25.74 -4.22 4.59
CA THR B 4 24.82 -3.44 3.79
C THR B 4 24.10 -4.34 2.79
N THR B 5 22.78 -4.20 2.74
CA THR B 5 21.91 -5.00 1.91
C THR B 5 21.06 -4.07 1.04
N LEU B 6 20.78 -4.51 -0.18
CA LEU B 6 20.02 -3.73 -1.15
C LEU B 6 18.89 -4.59 -1.67
N PHE B 7 17.71 -4.01 -1.87
CA PHE B 7 16.61 -4.78 -2.45
C PHE B 7 15.80 -3.99 -3.47
N LYS B 8 15.19 -4.74 -4.40
CA LYS B 8 14.30 -4.15 -5.38
C LYS B 8 13.17 -5.12 -5.67
N ASP B 9 11.95 -4.57 -5.71
CA ASP B 9 10.73 -5.34 -5.92
C ASP B 9 10.26 -5.21 -7.36
N PHE B 10 9.75 -6.32 -7.88
CA PHE B 10 9.13 -6.36 -9.18
C PHE B 10 7.80 -7.10 -9.03
N THR B 11 6.85 -6.77 -9.88
CA THR B 11 5.58 -7.47 -9.92
C THR B 11 5.26 -7.96 -11.33
N PHE B 12 4.84 -9.20 -11.45
CA PHE B 12 4.48 -9.78 -12.74
C PHE B 12 3.11 -10.47 -12.65
N GLU B 13 2.40 -10.46 -13.77
CA GLU B 13 1.01 -10.86 -13.84
C GLU B 13 0.98 -12.20 -14.54
N ALA B 14 0.66 -13.25 -13.80
CA ALA B 14 0.79 -14.59 -14.36
C ALA B 14 -0.31 -15.53 -13.92
N ALA B 15 -0.48 -16.61 -14.68
CA ALA B 15 -1.37 -17.70 -14.34
C ALA B 15 -0.56 -18.88 -13.86
N HIS B 16 -1.13 -19.65 -12.96
CA HIS B 16 -0.58 -20.93 -12.60
C HIS B 16 -1.66 -21.85 -12.03
N ARG B 17 -1.27 -23.08 -11.77
CA ARG B 17 -2.12 -24.00 -11.06
C ARG B 17 -1.21 -25.00 -10.38
N LEU B 18 -1.62 -25.47 -9.20
CA LEU B 18 -0.84 -26.41 -8.44
C LEU B 18 -1.27 -27.84 -8.71
N PRO B 19 -0.40 -28.63 -9.36
CA PRO B 19 -0.76 -29.95 -9.82
C PRO B 19 -0.80 -31.05 -8.75
N HIS B 20 -0.22 -30.80 -7.57
CA HIS B 20 -0.09 -31.86 -6.56
C HIS B 20 -0.95 -31.72 -5.30
N VAL B 21 -1.97 -30.88 -5.36
CA VAL B 21 -2.93 -30.76 -4.26
C VAL B 21 -4.15 -31.69 -4.45
N PRO B 22 -4.85 -32.04 -3.35
CA PRO B 22 -6.02 -32.93 -3.50
C PRO B 22 -7.16 -32.35 -4.33
N GLU B 23 -7.95 -33.24 -4.93
CA GLU B 23 -8.95 -32.88 -5.95
C GLU B 23 -9.83 -31.65 -5.67
N GLY B 24 -10.21 -31.43 -4.42
CA GLY B 24 -11.05 -30.27 -4.06
C GLY B 24 -10.41 -28.89 -3.96
N HIS B 25 -9.09 -28.83 -3.87
N HIS B 25 -9.09 -28.83 -3.86
CA HIS B 25 -8.36 -27.62 -3.53
CA HIS B 25 -8.41 -27.59 -3.49
C HIS B 25 -8.45 -26.52 -4.60
C HIS B 25 -8.42 -26.51 -4.58
N LYS B 26 -8.84 -25.31 -4.19
CA LYS B 26 -8.95 -24.16 -5.11
C LYS B 26 -7.69 -23.83 -5.92
N CYS B 27 -6.52 -24.13 -5.38
N CYS B 27 -6.52 -24.12 -5.36
CA CYS B 27 -5.25 -23.81 -6.05
CA CYS B 27 -5.24 -23.82 -6.01
C CYS B 27 -4.91 -24.78 -7.18
C CYS B 27 -4.92 -24.78 -7.16
N GLY B 28 -5.63 -25.91 -7.22
CA GLY B 28 -5.52 -26.86 -8.32
C GLY B 28 -6.28 -26.41 -9.54
N ARG B 29 -7.20 -25.47 -9.36
CA ARG B 29 -7.88 -24.86 -10.48
C ARG B 29 -6.93 -23.89 -11.18
N LEU B 30 -7.17 -23.64 -12.46
CA LEU B 30 -6.41 -22.65 -13.20
C LEU B 30 -6.74 -21.26 -12.66
N HIS B 31 -5.71 -20.55 -12.20
CA HIS B 31 -5.93 -19.21 -11.68
C HIS B 31 -4.66 -18.39 -11.86
N GLY B 32 -4.57 -17.26 -11.19
CA GLY B 32 -3.40 -16.41 -11.32
C GLY B 32 -3.25 -15.44 -10.16
N HIS B 33 -2.21 -14.62 -10.24
CA HIS B 33 -1.88 -13.68 -9.19
C HIS B 33 -1.05 -12.54 -9.79
N SER B 34 -1.07 -11.40 -9.10
CA SER B 34 -0.07 -10.37 -9.29
C SER B 34 1.09 -10.77 -8.38
N PHE B 35 2.06 -11.49 -8.93
CA PHE B 35 3.18 -12.03 -8.16
C PHE B 35 4.19 -10.91 -7.90
N VAL B 37 8.02 -10.08 -6.59
CA VAL B 37 9.33 -10.68 -6.31
C VAL B 37 10.31 -9.61 -5.83
N ARG B 38 10.94 -9.89 -4.70
CA ARG B 38 12.00 -9.04 -4.21
C ARG B 38 13.32 -9.76 -4.39
N LEU B 39 14.25 -9.10 -5.07
CA LEU B 39 15.62 -9.57 -5.16
C LEU B 39 16.45 -8.78 -4.17
N GLU B 40 17.08 -9.49 -3.24
CA GLU B 40 17.92 -8.88 -2.20
C GLU B 40 19.39 -9.22 -2.51
N ILE B 41 20.24 -8.21 -2.40
CA ILE B 41 21.67 -8.30 -2.68
C ILE B 41 22.43 -7.88 -1.42
N THR B 42 23.56 -8.53 -1.16
CA THR B 42 24.43 -8.14 -0.07
C THR B 42 25.83 -8.00 -0.62
N GLY B 43 26.45 -6.85 -0.34
CA GLY B 43 27.77 -6.57 -0.85
C GLY B 43 28.34 -5.29 -0.26
N GLU B 44 29.55 -4.97 -0.65
CA GLU B 44 30.20 -3.78 -0.13
C GLU B 44 29.85 -2.57 -0.98
N VAL B 45 29.76 -1.42 -0.33
CA VAL B 45 29.42 -0.16 -0.99
C VAL B 45 30.68 0.39 -1.64
N ASP B 46 30.64 0.65 -2.94
CA ASP B 46 31.82 1.18 -3.64
C ASP B 46 32.08 2.62 -3.21
N PRO B 47 33.33 2.95 -2.86
CA PRO B 47 33.61 4.33 -2.41
C PRO B 47 33.29 5.43 -3.45
N HIS B 48 33.41 5.13 -4.74
CA HIS B 48 33.13 6.11 -5.80
C HIS B 48 31.65 6.19 -6.18
N THR B 49 31.02 5.05 -6.48
CA THR B 49 29.60 5.07 -6.88
C THR B 49 28.68 5.36 -5.70
N GLY B 50 29.13 5.03 -4.50
CA GLY B 50 28.33 5.17 -3.29
C GLY B 50 27.21 4.16 -3.19
N TRP B 51 27.23 3.12 -4.04
CA TRP B 51 26.23 2.06 -3.96
C TRP B 51 26.88 0.69 -4.11
N ILE B 52 26.11 -0.37 -3.87
CA ILE B 52 26.58 -1.74 -4.14
C ILE B 52 26.51 -1.92 -5.65
N ILE B 53 25.29 -1.80 -6.16
CA ILE B 53 24.96 -1.93 -7.56
C ILE B 53 23.81 -0.93 -7.78
N ASP B 54 23.78 -0.26 -8.93
CA ASP B 54 22.64 0.58 -9.33
C ASP B 54 21.37 -0.30 -9.34
N PHE B 55 20.28 0.18 -8.76
CA PHE B 55 18.98 -0.51 -8.86
C PHE B 55 18.67 -0.85 -10.34
N ALA B 56 19.09 0.02 -11.25
CA ALA B 56 18.85 -0.18 -12.68
C ALA B 56 19.58 -1.39 -13.25
N GLU B 57 20.77 -1.70 -12.74
CA GLU B 57 21.48 -2.91 -13.16
C GLU B 57 20.74 -4.15 -12.69
N LEU B 58 20.22 -4.08 -11.47
CA LEU B 58 19.51 -5.19 -10.90
C LEU B 58 18.24 -5.45 -11.73
N LYS B 59 17.56 -4.38 -12.13
CA LYS B 59 16.44 -4.46 -13.06
C LYS B 59 16.87 -5.08 -14.39
N ALA B 60 17.95 -4.56 -14.96
CA ALA B 60 18.44 -5.05 -16.26
C ALA B 60 18.85 -6.52 -16.21
N ALA B 61 19.49 -6.94 -15.13
CA ALA B 61 19.89 -8.35 -14.94
C ALA B 61 18.67 -9.27 -14.86
N PHE B 62 17.63 -8.79 -14.20
CA PHE B 62 16.44 -9.58 -13.98
C PHE B 62 15.54 -9.58 -15.21
N LYS B 63 15.64 -8.57 -16.06
CA LYS B 63 14.67 -8.41 -17.15
C LYS B 63 14.41 -9.70 -17.96
N PRO B 64 15.48 -10.39 -18.43
CA PRO B 64 15.17 -11.59 -19.20
C PRO B 64 14.28 -12.61 -18.47
N THR B 65 14.53 -12.83 -17.18
CA THR B 65 13.74 -13.77 -16.39
C THR B 65 12.36 -13.18 -16.14
N TYR B 66 12.31 -11.88 -15.83
CA TYR B 66 11.03 -11.17 -15.64
C TYR B 66 10.08 -11.42 -16.81
N GLU B 67 10.61 -11.26 -18.02
CA GLU B 67 9.80 -11.33 -19.23
C GLU B 67 9.32 -12.76 -19.55
N ARG B 68 10.03 -13.78 -19.05
CA ARG B 68 9.56 -15.18 -19.16
C ARG B 68 8.41 -15.44 -18.21
N LEU B 69 8.31 -14.65 -17.15
CA LEU B 69 7.30 -14.85 -16.10
C LEU B 69 6.05 -14.00 -16.32
N ASP B 70 6.24 -12.77 -16.74
CA ASP B 70 5.15 -11.81 -16.83
C ASP B 70 4.21 -12.10 -18.00
N HIS B 71 2.90 -11.95 -17.76
CA HIS B 71 1.88 -12.31 -18.73
C HIS B 71 2.10 -13.68 -19.38
N HIS B 72 2.49 -14.67 -18.58
CA HIS B 72 2.61 -16.07 -19.02
C HIS B 72 1.94 -17.04 -18.06
N TYR B 73 1.84 -18.29 -18.50
CA TYR B 73 1.36 -19.42 -17.69
C TYR B 73 2.60 -20.16 -17.23
N LEU B 74 2.83 -20.14 -15.92
CA LEU B 74 4.07 -20.64 -15.32
C LEU B 74 4.30 -22.13 -15.51
N ASN B 75 3.22 -22.91 -15.55
CA ASN B 75 3.33 -24.36 -15.64
C ASN B 75 4.01 -24.82 -16.92
N ASP B 76 3.94 -24.02 -17.96
CA ASP B 76 4.58 -24.30 -19.23
C ASP B 76 6.08 -23.98 -19.24
N ILE B 77 6.62 -23.43 -18.16
CA ILE B 77 8.03 -23.05 -18.10
C ILE B 77 8.82 -24.19 -17.44
N PRO B 78 9.84 -24.73 -18.15
CA PRO B 78 10.59 -25.84 -17.54
C PRO B 78 11.14 -25.50 -16.16
N GLY B 79 10.94 -26.42 -15.22
CA GLY B 79 11.28 -26.19 -13.82
C GLY B 79 10.18 -25.58 -12.98
N LEU B 80 9.12 -25.08 -13.63
CA LEU B 80 7.99 -24.53 -12.92
C LEU B 80 6.71 -25.38 -13.12
N GLU B 81 6.89 -26.69 -13.25
CA GLU B 81 5.76 -27.61 -13.43
C GLU B 81 4.91 -27.71 -12.16
N ASN B 82 5.52 -27.44 -11.01
CA ASN B 82 4.82 -27.27 -9.75
C ASN B 82 5.16 -25.90 -9.21
N PRO B 83 4.48 -24.86 -9.72
CA PRO B 83 4.81 -23.46 -9.47
C PRO B 83 4.28 -22.92 -8.13
N THR B 84 4.70 -23.55 -7.04
CA THR B 84 4.43 -23.00 -5.73
C THR B 84 5.32 -21.76 -5.59
N SER B 85 5.04 -20.96 -4.57
CA SER B 85 5.90 -19.80 -4.26
C SER B 85 7.33 -20.21 -3.92
N GLU B 86 7.45 -21.30 -3.17
CA GLU B 86 8.73 -21.90 -2.79
C GLU B 86 9.57 -22.36 -3.99
N VAL B 87 8.94 -23.11 -4.88
CA VAL B 87 9.60 -23.56 -6.10
C VAL B 87 9.95 -22.34 -6.97
N LEU B 88 9.04 -21.41 -7.07
CA LEU B 88 9.27 -20.20 -7.84
C LEU B 88 10.46 -19.36 -7.32
N ALA B 89 10.55 -19.16 -6.01
CA ALA B 89 11.64 -18.35 -5.44
C ALA B 89 13.01 -19.02 -5.70
N LYS B 90 13.09 -20.34 -5.55
CA LYS B 90 14.33 -21.07 -5.84
C LYS B 90 14.68 -21.01 -7.33
N TRP B 91 13.66 -21.16 -8.17
CA TRP B 91 13.84 -21.10 -9.62
C TRP B 91 14.35 -19.73 -10.05
N ILE B 92 13.78 -18.67 -9.49
CA ILE B 92 14.26 -17.31 -9.77
C ILE B 92 15.71 -17.15 -9.29
N TRP B 93 16.00 -17.70 -8.12
CA TRP B 93 17.36 -17.68 -7.60
C TRP B 93 18.31 -18.33 -8.60
N ASP B 94 17.93 -19.49 -9.11
CA ASP B 94 18.78 -20.26 -10.00
C ASP B 94 19.01 -19.54 -11.33
N GLN B 95 18.01 -18.79 -11.81
CA GLN B 95 18.16 -18.01 -13.02
C GLN B 95 19.03 -16.76 -12.82
N VAL B 96 18.89 -16.12 -11.67
CA VAL B 96 19.44 -14.77 -11.46
C VAL B 96 20.84 -14.79 -10.85
N LYS B 97 21.12 -15.77 -10.00
CA LYS B 97 22.39 -15.86 -9.29
C LYS B 97 23.65 -15.79 -10.19
N PRO B 98 23.63 -16.47 -11.36
CA PRO B 98 24.81 -16.42 -12.23
C PRO B 98 25.13 -15.01 -12.74
N VAL B 99 24.11 -14.19 -12.98
CA VAL B 99 24.35 -12.81 -13.42
C VAL B 99 24.46 -11.83 -12.25
N VAL B 100 23.85 -12.16 -11.11
CA VAL B 100 23.91 -11.29 -9.93
C VAL B 100 24.49 -12.09 -8.74
N PRO B 101 25.83 -12.24 -8.68
CA PRO B 101 26.46 -13.07 -7.67
C PRO B 101 26.29 -12.56 -6.22
N LEU B 102 25.95 -11.29 -6.05
CA LEU B 102 25.71 -10.73 -4.73
C LEU B 102 24.28 -11.04 -4.23
N LEU B 103 23.46 -11.69 -5.06
CA LEU B 103 22.12 -12.10 -4.63
C LEU B 103 22.20 -12.90 -3.33
N SER B 104 21.42 -12.48 -2.34
CA SER B 104 21.40 -13.11 -1.01
C SER B 104 20.03 -13.66 -0.61
N ALA B 105 18.96 -13.19 -1.25
CA ALA B 105 17.63 -13.75 -1.04
C ALA B 105 16.68 -13.42 -2.19
N VAL B 106 15.69 -14.27 -2.37
CA VAL B 106 14.59 -14.01 -3.28
C VAL B 106 13.29 -14.21 -2.52
N VAL B 108 9.15 -14.24 -2.93
CA VAL B 108 7.97 -14.13 -3.78
C VAL B 108 6.69 -14.12 -2.95
N LYS B 109 5.81 -13.19 -3.31
CA LYS B 109 4.51 -13.04 -2.69
C LYS B 109 3.46 -13.19 -3.78
N GLU B 110 2.63 -14.23 -3.67
CA GLU B 110 1.45 -14.39 -4.55
C GLU B 110 0.39 -13.36 -4.29
N THR B 111 0.14 -13.09 -3.01
CA THR B 111 -0.78 -12.04 -2.60
C THR B 111 0.01 -11.11 -1.68
N CYS B 112 -0.54 -9.94 -1.36
CA CYS B 112 0.18 -9.02 -0.45
C CYS B 112 0.14 -9.47 1.02
N THR B 113 -0.59 -10.53 1.33
CA THR B 113 -0.62 -11.08 2.70
C THR B 113 0.16 -12.39 2.88
N ALA B 114 0.74 -12.94 1.82
CA ALA B 114 1.42 -14.24 1.90
C ALA B 114 2.67 -14.24 1.06
N GLY B 115 3.74 -14.82 1.59
CA GLY B 115 4.96 -14.89 0.85
C GLY B 115 5.95 -15.93 1.30
N CYS B 116 6.98 -16.08 0.48
CA CYS B 116 8.04 -17.04 0.70
C CYS B 116 9.38 -16.37 0.44
N ILE B 117 10.37 -16.67 1.28
CA ILE B 117 11.74 -16.17 1.11
C ILE B 117 12.71 -17.35 1.00
N TYR B 118 13.44 -17.39 -0.12
CA TYR B 118 14.50 -18.38 -0.34
C TYR B 118 15.87 -17.69 -0.29
N ARG B 119 16.82 -18.26 0.47
CA ARG B 119 18.13 -17.64 0.64
C ARG B 119 19.24 -18.23 -0.21
N GLY B 120 19.22 -19.52 -0.50
CA GLY B 120 20.15 -20.11 -1.48
C GLY B 120 21.58 -20.38 -1.01
N GLU B 121 22.14 -19.47 -0.21
CA GLU B 121 23.48 -19.62 0.35
C GLU B 121 23.48 -19.34 1.84
N SER C 3 -13.96 22.08 -12.25
CA SER C 3 -13.75 21.45 -10.91
C SER C 3 -12.26 21.31 -10.56
N THR C 4 -11.89 21.81 -9.40
CA THR C 4 -10.61 21.47 -8.77
C THR C 4 -10.82 21.17 -7.29
N THR C 5 -10.28 20.04 -6.86
CA THR C 5 -10.58 19.46 -5.55
C THR C 5 -9.28 19.10 -4.84
N LEU C 6 -9.32 19.12 -3.52
CA LEU C 6 -8.14 18.89 -2.69
C LEU C 6 -8.51 17.92 -1.58
N PHE C 7 -7.62 16.98 -1.26
CA PHE C 7 -7.88 16.04 -0.17
C PHE C 7 -6.66 15.76 0.69
N LYS C 8 -6.91 15.46 1.96
CA LYS C 8 -5.87 15.16 2.94
C LYS C 8 -6.35 14.01 3.84
N ASP C 9 -5.49 13.00 4.03
CA ASP C 9 -5.84 11.84 4.87
C ASP C 9 -5.14 11.89 6.22
N PHE C 10 -5.86 11.42 7.23
CA PHE C 10 -5.33 11.30 8.60
C PHE C 10 -5.69 9.91 9.10
N THR C 11 -4.99 9.47 10.15
CA THR C 11 -5.26 8.17 10.76
C THR C 11 -5.28 8.31 12.27
N PHE C 12 -6.36 7.84 12.90
CA PHE C 12 -6.45 7.83 14.35
C PHE C 12 -6.77 6.47 14.92
N GLU C 13 -6.19 6.21 16.10
CA GLU C 13 -6.27 4.93 16.77
C GLU C 13 -7.28 5.05 17.91
N ALA C 14 -8.45 4.44 17.75
CA ALA C 14 -9.54 4.60 18.73
C ALA C 14 -10.36 3.34 18.93
N ALA C 15 -11.10 3.33 20.03
CA ALA C 15 -11.99 2.22 20.40
C ALA C 15 -13.44 2.60 20.17
N HIS C 16 -14.30 1.60 20.03
CA HIS C 16 -15.74 1.80 19.92
C HIS C 16 -16.51 0.47 19.99
N ARG C 17 -17.82 0.56 20.16
CA ARG C 17 -18.72 -0.60 20.03
C ARG C 17 -20.06 -0.13 19.45
N LEU C 18 -20.76 -1.03 18.77
CA LEU C 18 -22.01 -0.68 18.10
C LEU C 18 -23.22 -1.09 18.95
N PRO C 19 -24.01 -0.09 19.40
CA PRO C 19 -25.08 -0.34 20.37
C PRO C 19 -26.31 -1.08 19.83
N HIS C 20 -26.65 -0.88 18.56
CA HIS C 20 -27.89 -1.42 17.99
C HIS C 20 -27.63 -2.65 17.12
N VAL C 21 -26.95 -3.64 17.69
CA VAL C 21 -26.75 -4.95 17.05
C VAL C 21 -26.95 -6.06 18.09
N PRO C 22 -27.30 -7.28 17.64
CA PRO C 22 -27.57 -8.40 18.56
C PRO C 22 -26.29 -9.00 19.17
N GLU C 23 -26.43 -10.10 19.91
CA GLU C 23 -25.30 -10.74 20.59
C GLU C 23 -24.30 -11.33 19.58
N GLY C 24 -23.43 -10.48 19.06
CA GLY C 24 -22.47 -10.86 18.02
C GLY C 24 -22.76 -10.15 16.72
N CYS C 27 -19.11 -7.57 16.41
CA CYS C 27 -18.82 -6.14 16.48
C CYS C 27 -19.55 -5.42 17.61
N GLY C 28 -20.55 -6.07 18.20
CA GLY C 28 -21.26 -5.53 19.37
C GLY C 28 -20.37 -5.37 20.60
N ARG C 29 -19.21 -6.02 20.58
CA ARG C 29 -18.26 -5.98 21.67
C ARG C 29 -17.36 -4.76 21.58
N LEU C 30 -16.65 -4.48 22.68
CA LEU C 30 -15.69 -3.39 22.71
C LEU C 30 -14.48 -3.75 21.84
N HIS C 31 -14.26 -2.96 20.81
CA HIS C 31 -13.11 -3.16 19.92
C HIS C 31 -12.67 -1.82 19.34
N GLY C 32 -11.77 -1.85 18.36
CA GLY C 32 -11.27 -0.62 17.77
C GLY C 32 -10.59 -0.80 16.44
N HIS C 33 -10.22 0.32 15.84
CA HIS C 33 -9.69 0.37 14.49
C HIS C 33 -8.62 1.44 14.36
N SER C 34 -7.78 1.30 13.34
CA SER C 34 -6.96 2.38 12.84
C SER C 34 -7.81 3.08 11.78
N PHE C 35 -8.59 4.06 12.21
CA PHE C 35 -9.52 4.76 11.32
C PHE C 35 -8.75 5.64 10.36
N VAL C 37 -9.32 8.73 7.81
CA VAL C 37 -10.31 9.77 7.52
C VAL C 37 -9.75 10.75 6.49
N ARG C 38 -10.48 10.94 5.41
CA ARG C 38 -10.07 11.78 4.30
C ARG C 38 -10.98 13.00 4.22
N LEU C 39 -10.40 14.20 4.38
CA LEU C 39 -11.16 15.43 4.21
C LEU C 39 -10.97 15.94 2.79
N GLU C 40 -12.09 16.16 2.09
CA GLU C 40 -12.06 16.67 0.72
C GLU C 40 -12.61 18.09 0.65
N ILE C 41 -11.85 19.01 0.08
CA ILE C 41 -12.35 20.36 -0.15
C ILE C 41 -12.41 20.67 -1.64
N THR C 42 -13.39 21.48 -2.02
CA THR C 42 -13.55 21.93 -3.39
C THR C 42 -13.49 23.45 -3.38
N GLY C 43 -12.67 24.02 -4.26
CA GLY C 43 -12.52 25.48 -4.31
C GLY C 43 -11.76 25.96 -5.51
N GLU C 44 -11.69 27.29 -5.66
CA GLU C 44 -10.95 27.91 -6.74
C GLU C 44 -9.48 28.01 -6.32
N VAL C 45 -8.58 27.80 -7.25
CA VAL C 45 -7.15 27.95 -6.96
C VAL C 45 -6.78 29.44 -7.06
N ASP C 46 -6.09 29.93 -6.04
CA ASP C 46 -5.65 31.33 -5.99
C ASP C 46 -4.55 31.56 -7.02
N PRO C 47 -4.64 32.65 -7.81
CA PRO C 47 -3.69 32.86 -8.91
C PRO C 47 -2.23 33.01 -8.45
N HIS C 48 -2.00 33.69 -7.33
CA HIS C 48 -0.64 33.92 -6.84
C HIS C 48 -0.06 32.72 -6.09
N THR C 49 -0.83 32.14 -5.16
CA THR C 49 -0.32 31.12 -4.26
C THR C 49 -0.20 29.74 -4.93
N GLY C 50 -1.09 29.48 -5.89
CA GLY C 50 -1.11 28.23 -6.63
C GLY C 50 -1.92 27.14 -5.98
N TRP C 51 -2.62 27.46 -4.89
CA TRP C 51 -3.40 26.45 -4.17
C TRP C 51 -4.77 26.98 -3.72
N ILE C 52 -5.61 26.05 -3.27
CA ILE C 52 -6.90 26.39 -2.70
C ILE C 52 -6.61 26.81 -1.26
N ILE C 53 -6.14 25.87 -0.45
CA ILE C 53 -5.53 26.20 0.86
C ILE C 53 -4.34 25.28 1.07
N ASP C 54 -3.39 25.74 1.89
CA ASP C 54 -2.23 24.93 2.25
C ASP C 54 -2.70 23.64 2.94
N PHE C 55 -2.07 22.51 2.60
CA PHE C 55 -2.36 21.23 3.26
C PHE C 55 -2.16 21.37 4.76
N ALA C 56 -1.07 22.05 5.14
CA ALA C 56 -0.75 22.32 6.54
C ALA C 56 -1.87 23.03 7.30
N GLU C 57 -2.61 23.91 6.63
CA GLU C 57 -3.76 24.58 7.24
C GLU C 57 -4.87 23.57 7.54
N LEU C 58 -5.13 22.69 6.58
CA LEU C 58 -6.13 21.65 6.75
C LEU C 58 -5.79 20.76 7.94
N LYS C 59 -4.51 20.39 8.07
CA LYS C 59 -4.01 19.64 9.25
C LYS C 59 -4.31 20.39 10.55
N ALA C 60 -4.09 21.69 10.55
CA ALA C 60 -4.29 22.52 11.75
C ALA C 60 -5.77 22.69 12.07
N ALA C 61 -6.59 22.88 11.04
CA ALA C 61 -8.03 22.99 11.21
C ALA C 61 -8.64 21.71 11.79
N PHE C 62 -8.15 20.55 11.33
CA PHE C 62 -8.65 19.26 11.82
C PHE C 62 -8.10 18.90 13.20
N LYS C 63 -6.94 19.45 13.56
CA LYS C 63 -6.21 19.01 14.75
C LYS C 63 -7.05 18.84 16.03
N PRO C 64 -7.86 19.87 16.41
CA PRO C 64 -8.66 19.70 17.63
C PRO C 64 -9.58 18.49 17.56
N THR C 65 -10.27 18.34 16.43
CA THR C 65 -11.13 17.18 16.19
C THR C 65 -10.36 15.85 16.22
N TYR C 66 -9.12 15.86 15.71
CA TYR C 66 -8.24 14.68 15.71
C TYR C 66 -7.84 14.29 17.14
N GLU C 67 -7.46 15.28 17.94
CA GLU C 67 -7.18 15.08 19.37
C GLU C 67 -8.39 14.47 20.09
N ARG C 68 -9.59 14.84 19.66
CA ARG C 68 -10.83 14.33 20.27
C ARG C 68 -11.14 12.88 19.88
N LEU C 69 -10.62 12.45 18.73
CA LEU C 69 -10.86 11.09 18.24
C LEU C 69 -9.69 10.17 18.54
N ASP C 70 -8.46 10.67 18.37
CA ASP C 70 -7.27 9.83 18.48
C ASP C 70 -6.97 9.41 19.92
N HIS C 71 -6.68 8.12 20.09
CA HIS C 71 -6.50 7.49 21.40
C HIS C 71 -7.67 7.75 22.38
N HIS C 72 -8.89 7.84 21.85
CA HIS C 72 -10.12 8.00 22.66
C HIS C 72 -11.08 6.81 22.46
N TYR C 73 -12.18 6.83 23.18
CA TYR C 73 -13.27 5.87 23.02
C TYR C 73 -14.51 6.60 22.49
N LEU C 74 -14.86 6.32 21.23
CA LEU C 74 -15.80 7.16 20.46
C LEU C 74 -17.19 7.33 21.05
N ASN C 75 -17.69 6.30 21.73
CA ASN C 75 -19.07 6.31 22.21
C ASN C 75 -19.35 7.41 23.26
N ASP C 76 -18.30 7.85 23.97
CA ASP C 76 -18.42 8.94 24.97
C ASP C 76 -18.61 10.32 24.36
N ILE C 77 -18.13 10.51 23.14
CA ILE C 77 -18.24 11.78 22.44
C ILE C 77 -19.70 12.02 22.07
N PRO C 78 -20.24 13.21 22.42
CA PRO C 78 -21.65 13.45 22.10
C PRO C 78 -21.88 13.54 20.59
N GLY C 79 -22.92 12.84 20.13
CA GLY C 79 -23.20 12.72 18.70
C GLY C 79 -22.73 11.40 18.13
N LEU C 80 -21.79 10.74 18.81
CA LEU C 80 -21.20 9.48 18.33
C LEU C 80 -21.58 8.27 19.20
N GLU C 81 -22.77 8.33 19.81
CA GLU C 81 -23.25 7.24 20.67
C GLU C 81 -23.51 5.96 19.91
N ASN C 82 -23.81 6.09 18.62
CA ASN C 82 -23.84 4.97 17.69
C ASN C 82 -22.74 5.19 16.66
N PRO C 83 -21.48 4.89 17.04
CA PRO C 83 -20.30 5.26 16.24
C PRO C 83 -20.02 4.37 15.02
N THR C 84 -20.94 4.37 14.07
CA THR C 84 -20.71 3.70 12.78
C THR C 84 -19.91 4.63 11.89
N SER C 85 -19.33 4.08 10.83
CA SER C 85 -18.61 4.85 9.82
C SER C 85 -19.49 5.95 9.24
N GLU C 86 -20.76 5.64 9.00
CA GLU C 86 -21.72 6.59 8.44
C GLU C 86 -21.97 7.77 9.37
N VAL C 87 -22.18 7.48 10.65
CA VAL C 87 -22.44 8.52 11.65
C VAL C 87 -21.18 9.36 11.87
N LEU C 88 -20.04 8.68 11.91
CA LEU C 88 -18.76 9.36 12.15
C LEU C 88 -18.41 10.35 11.04
N ALA C 89 -18.51 9.89 9.79
CA ALA C 89 -18.28 10.74 8.63
C ALA C 89 -19.05 12.06 8.75
N LYS C 90 -20.35 11.95 9.02
CA LYS C 90 -21.23 13.11 9.17
C LYS C 90 -20.89 13.93 10.42
N TRP C 91 -20.50 13.26 11.50
CA TRP C 91 -20.14 13.94 12.73
C TRP C 91 -18.84 14.73 12.58
N ILE C 92 -17.81 14.07 12.05
CA ILE C 92 -16.55 14.75 11.72
C ILE C 92 -16.83 15.96 10.84
N TRP C 93 -17.78 15.81 9.91
CA TRP C 93 -18.22 16.90 9.05
C TRP C 93 -18.79 18.06 9.88
N ASP C 94 -19.60 17.75 10.89
CA ASP C 94 -20.16 18.80 11.78
C ASP C 94 -19.09 19.59 12.54
N GLN C 95 -17.98 18.94 12.92
CA GLN C 95 -16.91 19.63 13.64
C GLN C 95 -16.04 20.45 12.69
N VAL C 96 -15.86 19.93 11.47
CA VAL C 96 -14.90 20.50 10.53
C VAL C 96 -15.50 21.53 9.57
N LYS C 97 -16.75 21.30 9.14
CA LYS C 97 -17.42 22.20 8.20
C LYS C 97 -17.30 23.69 8.58
N PRO C 98 -17.56 24.03 9.86
CA PRO C 98 -17.46 25.43 10.27
C PRO C 98 -16.03 25.99 10.20
N VAL C 99 -15.03 25.12 10.40
CA VAL C 99 -13.63 25.53 10.38
C VAL C 99 -13.06 25.49 8.95
N VAL C 100 -13.63 24.62 8.10
CA VAL C 100 -13.22 24.51 6.70
C VAL C 100 -14.47 24.59 5.82
N PRO C 101 -14.93 25.82 5.50
CA PRO C 101 -16.18 25.98 4.75
C PRO C 101 -16.18 25.43 3.31
N LEU C 102 -15.00 25.21 2.73
CA LEU C 102 -14.91 24.60 1.40
C LEU C 102 -14.97 23.06 1.45
N LEU C 103 -15.12 22.49 2.64
CA LEU C 103 -15.27 21.05 2.80
C LEU C 103 -16.41 20.51 1.93
N SER C 104 -16.12 19.45 1.18
CA SER C 104 -17.03 18.85 0.21
C SER C 104 -17.32 17.36 0.48
N ALA C 105 -16.45 16.68 1.22
CA ALA C 105 -16.70 15.29 1.59
C ALA C 105 -15.81 14.85 2.75
N VAL C 106 -16.31 13.87 3.50
CA VAL C 106 -15.56 13.24 4.58
C VAL C 106 -15.67 11.72 4.43
N VAL C 108 -14.62 8.10 5.87
CA VAL C 108 -14.00 7.35 6.97
C VAL C 108 -13.90 5.88 6.59
N LYS C 109 -12.72 5.31 6.79
CA LYS C 109 -12.48 3.88 6.57
C LYS C 109 -12.02 3.27 7.89
N GLU C 110 -12.83 2.36 8.44
CA GLU C 110 -12.47 1.72 9.70
C GLU C 110 -11.39 0.64 9.48
N THR C 111 -11.42 -0.01 8.31
CA THR C 111 -10.36 -0.93 7.89
C THR C 111 -9.82 -0.46 6.54
N CYS C 112 -8.79 -1.14 6.05
CA CYS C 112 -8.26 -0.84 4.72
C CYS C 112 -9.22 -1.24 3.60
N THR C 113 -10.18 -2.12 3.91
CA THR C 113 -11.12 -2.65 2.92
C THR C 113 -12.57 -2.16 3.06
N ALA C 114 -12.87 -1.30 4.03
CA ALA C 114 -14.25 -0.83 4.25
C ALA C 114 -14.33 0.61 4.75
N GLY C 115 -15.23 1.39 4.15
CA GLY C 115 -15.45 2.76 4.57
C GLY C 115 -16.71 3.42 4.03
N CYS C 116 -16.85 4.72 4.29
CA CYS C 116 -18.03 5.48 3.95
C CYS C 116 -17.70 6.89 3.48
N ILE C 117 -18.40 7.35 2.44
CA ILE C 117 -18.22 8.71 1.89
C ILE C 117 -19.47 9.57 2.13
N TYR C 118 -19.33 10.65 2.90
CA TYR C 118 -20.44 11.58 3.13
C TYR C 118 -20.25 12.93 2.43
N ARG C 119 -21.28 13.37 1.73
CA ARG C 119 -21.34 14.70 1.13
C ARG C 119 -22.52 15.46 1.72
N SER D 3 -26.01 13.36 1.15
CA SER D 3 -26.03 11.99 0.60
C SER D 3 -24.85 11.15 1.11
N THR D 4 -25.06 9.84 1.24
CA THR D 4 -24.06 8.95 1.82
C THR D 4 -23.84 7.70 0.97
N THR D 5 -22.57 7.46 0.66
CA THR D 5 -22.14 6.32 -0.16
C THR D 5 -21.35 5.36 0.73
N LEU D 6 -21.47 4.07 0.45
CA LEU D 6 -20.75 3.03 1.20
C LEU D 6 -20.01 2.11 0.23
N PHE D 7 -18.80 1.70 0.58
CA PHE D 7 -18.04 0.76 -0.25
C PHE D 7 -17.32 -0.33 0.54
N LYS D 8 -17.15 -1.48 -0.11
CA LYS D 8 -16.45 -2.64 0.46
C LYS D 8 -15.56 -3.28 -0.62
N ASP D 9 -14.34 -3.65 -0.24
CA ASP D 9 -13.31 -4.10 -1.18
C ASP D 9 -13.00 -5.57 -1.01
N PHE D 10 -12.89 -6.26 -2.15
CA PHE D 10 -12.57 -7.68 -2.18
C PHE D 10 -11.42 -7.88 -3.15
N THR D 11 -10.60 -8.89 -2.92
CA THR D 11 -9.56 -9.26 -3.86
C THR D 11 -9.73 -10.72 -4.25
N PHE D 12 -9.60 -11.02 -5.54
CA PHE D 12 -9.63 -12.41 -5.99
C PHE D 12 -8.47 -12.66 -6.94
N GLU D 13 -8.09 -13.93 -7.01
CA GLU D 13 -6.87 -14.36 -7.70
C GLU D 13 -7.33 -15.22 -8.86
N ALA D 14 -7.27 -14.69 -10.08
CA ALA D 14 -7.83 -15.38 -11.23
C ALA D 14 -6.91 -15.30 -12.43
N ALA D 15 -7.14 -16.20 -13.37
CA ALA D 15 -6.48 -16.20 -14.67
C ALA D 15 -7.43 -15.64 -15.72
N HIS D 16 -6.85 -15.07 -16.77
CA HIS D 16 -7.61 -14.70 -17.95
C HIS D 16 -6.68 -14.51 -19.13
N ARG D 17 -7.28 -14.37 -20.30
CA ARG D 17 -6.59 -13.87 -21.49
C ARG D 17 -7.61 -13.12 -22.34
N LEU D 18 -7.12 -12.22 -23.18
CA LEU D 18 -7.98 -11.39 -24.03
C LEU D 18 -7.87 -11.89 -25.47
N PRO D 19 -8.98 -12.43 -26.01
CA PRO D 19 -8.91 -13.17 -27.26
C PRO D 19 -8.99 -12.32 -28.53
N HIS D 20 -9.27 -11.02 -28.39
CA HIS D 20 -9.45 -10.15 -29.56
C HIS D 20 -8.39 -9.06 -29.69
N VAL D 21 -7.34 -9.14 -28.89
CA VAL D 21 -6.22 -8.19 -29.03
C VAL D 21 -5.34 -8.61 -30.20
N PRO D 22 -4.63 -7.64 -30.82
CA PRO D 22 -3.76 -7.98 -31.95
C PRO D 22 -2.77 -9.08 -31.61
N GLU D 23 -2.35 -9.83 -32.62
CA GLU D 23 -1.60 -11.07 -32.42
C GLU D 23 -0.69 -11.11 -31.19
N GLY D 24 0.45 -10.43 -31.28
CA GLY D 24 1.55 -10.65 -30.34
C GLY D 24 1.48 -10.01 -28.95
N HIS D 25 0.36 -9.36 -28.67
N HIS D 25 0.39 -9.33 -28.64
CA HIS D 25 0.09 -8.72 -27.38
CA HIS D 25 0.30 -8.60 -27.39
C HIS D 25 0.31 -9.67 -26.21
C HIS D 25 0.21 -9.54 -26.19
N LYS D 26 0.97 -9.20 -25.15
CA LYS D 26 1.11 -10.00 -23.92
C LYS D 26 -0.22 -10.28 -23.19
N CYS D 27 -1.16 -9.35 -23.31
N CYS D 27 -1.17 -9.36 -23.30
CA CYS D 27 -2.50 -9.50 -22.75
CA CYS D 27 -2.49 -9.56 -22.70
C CYS D 27 -3.27 -10.65 -23.40
C CYS D 27 -3.30 -10.65 -23.41
N GLY D 28 -2.89 -11.00 -24.63
CA GLY D 28 -3.51 -12.11 -25.37
C GLY D 28 -2.97 -13.49 -25.02
N ARG D 29 -1.88 -13.55 -24.25
CA ARG D 29 -1.36 -14.82 -23.73
C ARG D 29 -2.11 -15.13 -22.45
N LEU D 30 -2.19 -16.41 -22.10
CA LEU D 30 -2.79 -16.82 -20.83
C LEU D 30 -1.95 -16.24 -19.70
N HIS D 31 -2.62 -15.54 -18.79
CA HIS D 31 -1.95 -14.96 -17.63
C HIS D 31 -2.97 -14.73 -16.52
N GLY D 32 -2.63 -13.90 -15.54
CA GLY D 32 -3.52 -13.69 -14.40
C GLY D 32 -3.24 -12.45 -13.60
N HIS D 33 -4.06 -12.22 -12.59
CA HIS D 33 -3.91 -11.06 -11.71
C HIS D 33 -4.50 -11.30 -10.35
N SER D 34 -4.06 -10.46 -9.42
CA SER D 34 -4.75 -10.30 -8.17
C SER D 34 -5.70 -9.13 -8.40
N PHE D 35 -6.94 -9.45 -8.76
CA PHE D 35 -7.94 -8.45 -9.06
C PHE D 35 -8.49 -7.86 -7.78
N VAL D 37 -11.88 -5.68 -6.48
CA VAL D 37 -13.20 -5.14 -6.82
C VAL D 37 -13.76 -4.36 -5.62
N ARG D 38 -14.27 -3.16 -5.91
CA ARG D 38 -14.91 -2.30 -4.93
C ARG D 38 -16.37 -2.17 -5.30
N LEU D 39 -17.24 -2.65 -4.42
CA LEU D 39 -18.67 -2.51 -4.60
C LEU D 39 -19.13 -1.25 -3.89
N GLU D 40 -19.76 -0.36 -4.64
CA GLU D 40 -20.23 0.90 -4.11
C GLU D 40 -21.75 0.90 -4.07
N ILE D 41 -22.31 1.27 -2.92
CA ILE D 41 -23.76 1.49 -2.81
C ILE D 41 -24.03 2.92 -2.36
N THR D 42 -25.26 3.37 -2.57
CA THR D 42 -25.70 4.69 -2.13
C THR D 42 -27.13 4.58 -1.63
N GLY D 43 -27.48 5.39 -0.64
CA GLY D 43 -28.81 5.39 -0.05
C GLY D 43 -28.86 6.03 1.32
N GLU D 44 -30.03 5.99 1.94
CA GLU D 44 -30.21 6.61 3.26
C GLU D 44 -29.64 5.76 4.38
N VAL D 45 -29.15 6.44 5.41
CA VAL D 45 -28.72 5.80 6.65
C VAL D 45 -29.96 5.57 7.50
N ASP D 46 -30.02 4.44 8.18
CA ASP D 46 -31.13 4.17 9.09
C ASP D 46 -30.84 4.81 10.44
N PRO D 47 -31.81 5.57 10.99
CA PRO D 47 -31.59 6.29 12.25
C PRO D 47 -31.37 5.39 13.47
N HIS D 48 -31.79 4.12 13.41
CA HIS D 48 -31.53 3.19 14.49
C HIS D 48 -30.21 2.44 14.32
N THR D 49 -30.06 1.71 13.21
CA THR D 49 -28.82 0.93 12.97
C THR D 49 -27.60 1.84 12.76
N GLY D 50 -27.83 3.00 12.15
CA GLY D 50 -26.76 3.96 11.90
C GLY D 50 -25.90 3.60 10.70
N TRP D 51 -26.44 2.77 9.81
CA TRP D 51 -25.77 2.47 8.55
C TRP D 51 -26.77 2.37 7.40
N ILE D 52 -26.26 2.20 6.19
CA ILE D 52 -27.12 1.84 5.06
C ILE D 52 -27.37 0.34 5.13
N ILE D 53 -26.30 -0.44 5.15
CA ILE D 53 -26.36 -1.88 5.49
C ILE D 53 -25.06 -2.29 6.18
N ASP D 54 -25.07 -3.47 6.80
CA ASP D 54 -23.87 -4.03 7.45
C ASP D 54 -22.85 -4.40 6.37
N PHE D 55 -21.57 -4.19 6.67
CA PHE D 55 -20.48 -4.56 5.76
C PHE D 55 -20.46 -6.07 5.54
N ALA D 56 -20.71 -6.84 6.61
CA ALA D 56 -20.75 -8.30 6.53
C ALA D 56 -21.86 -8.80 5.61
N GLU D 57 -22.97 -8.05 5.55
CA GLU D 57 -24.10 -8.43 4.70
C GLU D 57 -23.84 -8.09 3.22
N LEU D 58 -23.09 -7.01 2.97
CA LEU D 58 -22.64 -6.71 1.61
C LEU D 58 -21.62 -7.76 1.13
N LYS D 59 -20.75 -8.20 2.04
CA LYS D 59 -19.83 -9.29 1.79
C LYS D 59 -20.59 -10.57 1.45
N ALA D 60 -21.55 -10.92 2.31
CA ALA D 60 -22.37 -12.12 2.14
C ALA D 60 -23.13 -12.13 0.80
N ALA D 61 -23.62 -10.97 0.38
CA ALA D 61 -24.36 -10.85 -0.88
C ALA D 61 -23.46 -11.18 -2.08
N PHE D 62 -22.26 -10.62 -2.06
CA PHE D 62 -21.30 -10.80 -3.15
C PHE D 62 -20.71 -12.22 -3.24
N LYS D 63 -20.66 -12.89 -2.09
CA LYS D 63 -19.99 -14.19 -1.93
C LYS D 63 -20.18 -15.18 -3.09
N PRO D 64 -21.43 -15.40 -3.56
CA PRO D 64 -21.60 -16.33 -4.68
C PRO D 64 -20.82 -15.93 -5.94
N THR D 65 -20.90 -14.66 -6.32
CA THR D 65 -20.21 -14.18 -7.52
C THR D 65 -18.70 -14.20 -7.25
N TYR D 66 -18.31 -13.81 -6.03
CA TYR D 66 -16.91 -13.84 -5.64
C TYR D 66 -16.34 -15.23 -5.87
N GLU D 67 -16.99 -16.23 -5.30
CA GLU D 67 -16.47 -17.59 -5.39
C GLU D 67 -16.45 -18.16 -6.82
N ARG D 68 -17.25 -17.59 -7.71
CA ARG D 68 -17.14 -17.92 -9.15
C ARG D 68 -15.90 -17.30 -9.78
N LEU D 69 -15.44 -16.18 -9.22
CA LEU D 69 -14.30 -15.47 -9.76
C LEU D 69 -12.97 -15.95 -9.17
N ASP D 70 -12.97 -16.19 -7.85
CA ASP D 70 -11.72 -16.44 -7.15
C ASP D 70 -11.17 -17.82 -7.48
N HIS D 71 -9.85 -17.89 -7.64
CA HIS D 71 -9.15 -19.11 -8.04
C HIS D 71 -9.85 -19.79 -9.21
N HIS D 72 -10.16 -19.00 -10.23
CA HIS D 72 -10.78 -19.52 -11.44
C HIS D 72 -10.17 -18.89 -12.68
N TYR D 73 -10.52 -19.45 -13.83
CA TYR D 73 -10.11 -18.91 -15.13
C TYR D 73 -11.30 -18.16 -15.71
N LEU D 74 -11.18 -16.84 -15.87
CA LEU D 74 -12.37 -16.02 -16.15
C LEU D 74 -13.07 -16.35 -17.48
N ASN D 75 -12.28 -16.73 -18.49
CA ASN D 75 -12.81 -16.95 -19.84
C ASN D 75 -13.84 -18.09 -19.95
N ASP D 76 -13.80 -19.05 -19.02
CA ASP D 76 -14.80 -20.13 -18.99
C ASP D 76 -16.18 -19.67 -18.51
N ILE D 77 -16.27 -18.51 -17.87
CA ILE D 77 -17.53 -18.03 -17.30
C ILE D 77 -18.37 -17.37 -18.39
N PRO D 78 -19.62 -17.81 -18.59
CA PRO D 78 -20.48 -17.18 -19.60
C PRO D 78 -20.59 -15.66 -19.41
N GLY D 79 -20.32 -14.89 -20.48
CA GLY D 79 -20.31 -13.42 -20.40
C GLY D 79 -18.94 -12.83 -20.11
N LEU D 80 -17.99 -13.68 -19.74
CA LEU D 80 -16.62 -13.24 -19.53
C LEU D 80 -15.67 -13.85 -20.58
N GLU D 81 -16.19 -14.10 -21.78
CA GLU D 81 -15.39 -14.62 -22.87
C GLU D 81 -14.34 -13.62 -23.34
N ASN D 82 -14.62 -12.33 -23.14
CA ASN D 82 -13.63 -11.28 -23.36
C ASN D 82 -13.42 -10.52 -22.06
N PRO D 83 -12.68 -11.12 -21.12
CA PRO D 83 -12.63 -10.71 -19.73
C PRO D 83 -11.74 -9.49 -19.45
N THR D 84 -12.02 -8.39 -20.13
CA THR D 84 -11.39 -7.11 -19.85
C THR D 84 -11.94 -6.54 -18.54
N SER D 85 -11.26 -5.56 -17.97
CA SER D 85 -11.72 -4.89 -16.76
C SER D 85 -13.09 -4.25 -16.97
N GLU D 86 -13.27 -3.66 -18.14
CA GLU D 86 -14.52 -3.01 -18.51
C GLU D 86 -15.67 -4.02 -18.61
N VAL D 87 -15.44 -5.11 -19.33
CA VAL D 87 -16.45 -6.17 -19.44
C VAL D 87 -16.70 -6.75 -18.04
N LEU D 88 -15.62 -7.04 -17.31
CA LEU D 88 -15.73 -7.62 -15.98
C LEU D 88 -16.53 -6.73 -15.02
N ALA D 89 -16.29 -5.42 -15.07
CA ALA D 89 -16.95 -4.48 -14.16
C ALA D 89 -18.46 -4.49 -14.36
N LYS D 90 -18.88 -4.45 -15.63
CA LYS D 90 -20.28 -4.50 -16.00
C LYS D 90 -20.88 -5.86 -15.69
N TRP D 91 -20.12 -6.93 -15.95
CA TRP D 91 -20.56 -8.27 -15.62
C TRP D 91 -20.85 -8.39 -14.13
N ILE D 92 -19.95 -7.86 -13.30
CA ILE D 92 -20.14 -7.92 -11.84
C ILE D 92 -21.36 -7.08 -11.44
N TRP D 93 -21.53 -5.90 -12.07
CA TRP D 93 -22.72 -5.07 -11.88
C TRP D 93 -23.97 -5.89 -12.17
N ASP D 94 -23.99 -6.55 -13.32
CA ASP D 94 -25.16 -7.32 -13.75
C ASP D 94 -25.49 -8.48 -12.80
N GLN D 95 -24.49 -9.05 -12.13
CA GLN D 95 -24.74 -10.14 -11.18
C GLN D 95 -25.13 -9.65 -9.78
N VAL D 96 -24.66 -8.47 -9.39
CA VAL D 96 -24.80 -7.98 -8.01
C VAL D 96 -25.95 -6.97 -7.83
N LYS D 97 -26.31 -6.27 -8.90
CA LYS D 97 -27.39 -5.29 -8.85
C LYS D 97 -28.72 -5.90 -8.39
N PRO D 98 -29.09 -7.08 -8.93
CA PRO D 98 -30.36 -7.68 -8.49
C PRO D 98 -30.42 -7.98 -6.99
N VAL D 99 -29.30 -8.46 -6.42
CA VAL D 99 -29.27 -8.77 -4.98
C VAL D 99 -28.95 -7.53 -4.11
N VAL D 100 -28.38 -6.48 -4.71
CA VAL D 100 -28.09 -5.23 -4.00
C VAL D 100 -28.56 -4.03 -4.83
N PRO D 101 -29.89 -3.80 -4.87
CA PRO D 101 -30.45 -2.70 -5.67
C PRO D 101 -29.83 -1.33 -5.40
N LEU D 102 -29.27 -1.13 -4.20
CA LEU D 102 -28.61 0.13 -3.84
C LEU D 102 -27.23 0.33 -4.49
N LEU D 103 -26.75 -0.65 -5.25
CA LEU D 103 -25.46 -0.56 -5.96
C LEU D 103 -25.39 0.64 -6.89
N SER D 104 -24.38 1.49 -6.70
CA SER D 104 -24.17 2.68 -7.53
C SER D 104 -22.89 2.68 -8.37
N ALA D 105 -21.95 1.78 -8.06
CA ALA D 105 -20.71 1.67 -8.84
C ALA D 105 -19.92 0.42 -8.48
N VAL D 106 -19.27 -0.16 -9.49
CA VAL D 106 -18.33 -1.25 -9.31
C VAL D 106 -17.00 -0.84 -9.92
N VAL D 108 -13.28 -2.28 -10.77
CA VAL D 108 -12.34 -3.41 -10.79
C VAL D 108 -10.95 -2.92 -11.20
N LYS D 109 -9.96 -3.37 -10.44
CA LYS D 109 -8.56 -3.08 -10.73
C LYS D 109 -7.86 -4.39 -11.06
N GLU D 110 -7.32 -4.50 -12.27
CA GLU D 110 -6.47 -5.63 -12.66
C GLU D 110 -5.20 -5.67 -11.83
N THR D 111 -4.57 -4.51 -11.70
CA THR D 111 -3.31 -4.36 -10.97
C THR D 111 -3.44 -3.21 -9.97
N CYS D 112 -2.43 -3.05 -9.11
CA CYS D 112 -2.42 -1.96 -8.15
C CYS D 112 -2.49 -0.56 -8.77
N THR D 113 -2.18 -0.44 -10.06
CA THR D 113 -2.13 0.86 -10.74
C THR D 113 -3.11 1.04 -11.92
N ALA D 114 -4.04 0.10 -12.12
CA ALA D 114 -4.89 0.11 -13.31
C ALA D 114 -6.27 -0.49 -13.07
N GLY D 115 -7.31 0.23 -13.50
CA GLY D 115 -8.67 -0.25 -13.32
C GLY D 115 -9.77 0.53 -14.02
N CYS D 116 -10.99 0.10 -13.76
CA CYS D 116 -12.19 0.55 -14.45
C CYS D 116 -13.25 0.83 -13.40
N ILE D 117 -14.14 1.78 -13.66
CA ILE D 117 -15.30 1.99 -12.80
C ILE D 117 -16.56 2.07 -13.68
N TYR D 118 -17.47 1.13 -13.47
CA TYR D 118 -18.75 1.11 -14.19
C TYR D 118 -19.83 1.74 -13.32
N ARG D 119 -20.69 2.54 -13.95
CA ARG D 119 -21.78 3.23 -13.24
C ARG D 119 -23.20 2.87 -13.72
N GLY D 120 -23.32 2.15 -14.83
CA GLY D 120 -24.63 1.81 -15.39
C GLY D 120 -24.75 2.15 -16.86
N GLU D 121 -24.00 3.15 -17.31
CA GLU D 121 -23.94 3.52 -18.73
C GLU D 121 -23.25 2.42 -19.54
N SER E 3 16.41 -11.48 20.47
CA SER E 3 15.09 -12.18 20.55
C SER E 3 13.91 -11.26 20.28
N THR E 4 13.96 -10.02 20.78
CA THR E 4 12.91 -9.04 20.55
C THR E 4 13.47 -7.82 19.82
N THR E 5 12.78 -7.43 18.74
CA THR E 5 13.18 -6.29 17.93
C THR E 5 12.00 -5.35 17.79
N LEU E 6 12.29 -4.07 17.65
CA LEU E 6 11.28 -3.01 17.61
C LEU E 6 11.63 -2.10 16.44
N PHE E 7 10.64 -1.65 15.68
CA PHE E 7 10.92 -0.71 14.60
C PHE E 7 9.87 0.39 14.48
N LYS E 8 10.31 1.56 14.01
CA LYS E 8 9.42 2.67 13.72
C LYS E 8 9.80 3.25 12.36
N ASP E 9 8.76 3.60 11.59
CA ASP E 9 8.94 4.15 10.26
C ASP E 9 8.67 5.64 10.23
N PHE E 10 9.49 6.35 9.47
CA PHE E 10 9.31 7.77 9.24
C PHE E 10 9.37 8.00 7.74
N THR E 11 8.81 9.11 7.28
CA THR E 11 8.82 9.48 5.88
C THR E 11 9.18 10.95 5.75
N PHE E 12 10.12 11.26 4.86
CA PHE E 12 10.50 12.65 4.60
C PHE E 12 10.60 12.95 3.10
N GLU E 13 10.47 14.24 2.78
CA GLU E 13 10.30 14.71 1.41
C GLU E 13 11.52 15.55 1.05
N ALA E 14 12.43 14.99 0.25
CA ALA E 14 13.70 15.64 0.00
C ALA E 14 14.09 15.59 -1.47
N ALA E 15 14.96 16.52 -1.84
CA ALA E 15 15.57 16.52 -3.16
C ALA E 15 16.96 15.93 -3.05
N HIS E 16 17.42 15.31 -4.15
CA HIS E 16 18.83 14.95 -4.27
C HIS E 16 19.19 14.75 -5.74
N ARG E 17 20.48 14.55 -5.97
CA ARG E 17 21.01 14.10 -7.26
C ARG E 17 22.28 13.32 -6.98
N LEU E 18 22.63 12.41 -7.88
CA LEU E 18 23.81 11.59 -7.70
C LEU E 18 24.95 12.14 -8.57
N PRO E 19 26.03 12.64 -7.93
CA PRO E 19 27.11 13.29 -8.68
C PRO E 19 28.04 12.37 -9.47
N HIS E 20 28.08 11.09 -9.16
CA HIS E 20 29.10 10.18 -9.76
C HIS E 20 28.54 9.18 -10.77
N VAL E 21 27.42 9.52 -11.41
CA VAL E 21 26.84 8.68 -12.44
C VAL E 21 27.17 9.26 -13.81
N PRO E 22 27.26 8.42 -14.85
CA PRO E 22 27.58 8.96 -16.18
C PRO E 22 26.54 9.94 -16.72
N GLU E 23 26.92 10.68 -17.75
CA GLU E 23 26.19 11.87 -18.18
C GLU E 23 24.69 11.68 -18.41
N GLY E 24 24.32 10.64 -19.14
CA GLY E 24 22.90 10.44 -19.47
C GLY E 24 21.97 10.01 -18.34
N HIS E 25 22.55 9.40 -17.29
N HIS E 25 22.53 9.41 -17.29
CA HIS E 25 21.78 8.79 -16.21
CA HIS E 25 21.75 8.75 -16.26
C HIS E 25 20.82 9.77 -15.55
C HIS E 25 20.82 9.73 -15.52
N LYS E 26 19.52 9.43 -15.57
CA LYS E 26 18.50 10.30 -14.99
C LYS E 26 18.64 10.54 -13.48
N CYS E 27 19.30 9.64 -12.78
N CYS E 27 19.29 9.62 -12.78
CA CYS E 27 19.52 9.80 -11.34
CA CYS E 27 19.54 9.78 -11.35
C CYS E 27 20.58 10.85 -11.03
C CYS E 27 20.60 10.85 -11.03
N GLY E 28 21.30 11.33 -12.05
CA GLY E 28 22.25 12.45 -11.92
C GLY E 28 21.57 13.81 -12.05
N ARG E 29 20.39 13.84 -12.63
CA ARG E 29 19.61 15.07 -12.69
C ARG E 29 19.05 15.41 -11.31
N LEU E 30 18.78 16.69 -11.09
CA LEU E 30 18.14 17.12 -9.85
C LEU E 30 16.74 16.53 -9.77
N HIS E 31 16.47 15.78 -8.69
CA HIS E 31 15.15 15.20 -8.49
C HIS E 31 14.87 15.01 -7.00
N GLY E 32 13.90 14.17 -6.66
CA GLY E 32 13.58 13.93 -5.26
C GLY E 32 12.77 12.68 -5.04
N HIS E 33 12.44 12.42 -3.78
CA HIS E 33 11.68 11.25 -3.37
C HIS E 33 10.93 11.53 -2.10
N SER E 34 9.91 10.72 -1.85
CA SER E 34 9.36 10.59 -0.52
C SER E 34 10.15 9.45 0.13
N PHE E 35 11.21 9.80 0.85
CA PHE E 35 12.10 8.83 1.47
C PHE E 35 11.44 8.23 2.70
N VAL E 37 12.23 5.83 6.12
CA VAL E 37 13.31 5.30 6.96
C VAL E 37 12.75 4.53 8.16
N ARG E 38 13.27 3.32 8.32
CA ARG E 38 12.92 2.45 9.41
C ARG E 38 14.10 2.32 10.34
N LEU E 39 13.88 2.65 11.61
CA LEU E 39 14.87 2.45 12.65
C LEU E 39 14.52 1.19 13.44
N GLU E 40 15.46 0.24 13.48
CA GLU E 40 15.24 -0.99 14.21
C GLU E 40 16.10 -1.06 15.46
N ILE E 41 15.48 -1.50 16.55
CA ILE E 41 16.13 -1.56 17.85
C ILE E 41 16.06 -3.00 18.33
N THR E 42 17.10 -3.45 19.01
CA THR E 42 17.12 -4.76 19.65
C THR E 42 17.57 -4.62 21.09
N GLY E 43 16.93 -5.37 21.99
CA GLY E 43 17.27 -5.32 23.40
C GLY E 43 16.31 -6.15 24.24
N GLU E 44 16.60 -6.27 25.52
CA GLU E 44 15.74 -6.99 26.45
C GLU E 44 14.51 -6.14 26.79
N VAL E 45 13.37 -6.79 26.90
CA VAL E 45 12.11 -6.09 27.22
C VAL E 45 12.00 -5.88 28.73
N ASP E 46 11.72 -4.64 29.13
CA ASP E 46 11.58 -4.28 30.53
C ASP E 46 10.44 -5.07 31.16
N PRO E 47 10.74 -5.85 32.20
CA PRO E 47 9.71 -6.65 32.92
C PRO E 47 8.47 -5.90 33.41
N HIS E 48 8.55 -4.58 33.61
CA HIS E 48 7.40 -3.80 34.10
C HIS E 48 6.66 -3.03 33.01
N THR E 49 7.36 -2.14 32.31
CA THR E 49 6.74 -1.35 31.24
C THR E 49 6.32 -2.23 30.06
N GLY E 50 6.92 -3.42 29.97
CA GLY E 50 6.56 -4.39 28.93
C GLY E 50 7.04 -3.99 27.56
N TRP E 51 8.11 -3.18 27.51
CA TRP E 51 8.74 -2.82 26.24
C TRP E 51 10.24 -2.65 26.41
N ILE E 52 10.95 -2.58 25.28
CA ILE E 52 12.38 -2.26 25.30
C ILE E 52 12.49 -0.76 25.51
N ILE E 53 11.66 -0.03 24.77
CA ILE E 53 11.71 1.41 24.71
C ILE E 53 10.38 1.88 24.14
N ASP E 54 9.87 3.00 24.63
CA ASP E 54 8.65 3.59 24.09
C ASP E 54 8.90 4.04 22.65
N PHE E 55 7.88 3.91 21.79
CA PHE E 55 7.97 4.36 20.40
C PHE E 55 8.23 5.86 20.33
N ALA E 56 7.59 6.60 21.23
CA ALA E 56 7.78 8.04 21.33
C ALA E 56 9.24 8.42 21.41
N GLU E 57 10.02 7.67 22.19
CA GLU E 57 11.43 7.99 22.40
C GLU E 57 12.21 7.92 21.09
N LEU E 58 11.91 6.90 20.29
CA LEU E 58 12.50 6.76 18.98
C LEU E 58 12.17 7.99 18.13
N LYS E 59 10.90 8.39 18.15
CA LYS E 59 10.48 9.62 17.48
C LYS E 59 11.30 10.84 17.93
N ALA E 60 11.35 11.07 19.24
CA ALA E 60 12.07 12.22 19.79
C ALA E 60 13.57 12.17 19.49
N ALA E 61 14.16 10.98 19.62
CA ALA E 61 15.57 10.80 19.33
C ALA E 61 15.88 11.13 17.87
N PHE E 62 15.02 10.67 16.96
CA PHE E 62 15.25 10.86 15.53
C PHE E 62 14.94 12.27 15.05
N LYS E 63 14.05 12.96 15.75
CA LYS E 63 13.54 14.28 15.33
C LYS E 63 14.61 15.26 14.81
N PRO E 64 15.70 15.50 15.58
CA PRO E 64 16.71 16.42 15.04
C PRO E 64 17.24 16.02 13.65
N THR E 65 17.62 14.75 13.49
CA THR E 65 18.08 14.27 12.17
C THR E 65 16.97 14.39 11.12
N TYR E 66 15.74 14.06 11.50
CA TYR E 66 14.58 14.19 10.60
C TYR E 66 14.41 15.63 10.12
N GLU E 67 14.59 16.59 11.01
CA GLU E 67 14.42 18.00 10.64
C GLU E 67 15.47 18.49 9.64
N ARG E 68 16.66 17.90 9.68
CA ARG E 68 17.72 18.20 8.71
C ARG E 68 17.44 17.61 7.33
N LEU E 69 16.69 16.51 7.28
CA LEU E 69 16.42 15.81 6.04
C LEU E 69 15.13 16.25 5.36
N ASP E 70 14.07 16.48 6.13
CA ASP E 70 12.76 16.74 5.56
C ASP E 70 12.65 18.12 4.92
N HIS E 71 12.07 18.15 3.72
CA HIS E 71 11.95 19.38 2.94
C HIS E 71 13.31 20.06 2.80
N HIS E 72 14.30 19.25 2.45
CA HIS E 72 15.67 19.72 2.26
C HIS E 72 16.32 19.07 1.04
N TYR E 73 17.39 19.70 0.58
CA TYR E 73 18.21 19.20 -0.50
C TYR E 73 19.38 18.46 0.14
N LEU E 74 19.45 17.15 -0.08
CA LEU E 74 20.42 16.33 0.65
C LEU E 74 21.87 16.69 0.36
N ASN E 75 22.18 17.06 -0.88
CA ASN E 75 23.56 17.22 -1.31
C ASN E 75 24.29 18.31 -0.54
N ASP E 76 23.54 19.26 0.04
CA ASP E 76 24.12 20.36 0.84
C ASP E 76 24.40 20.00 2.30
N ILE E 77 23.97 18.81 2.74
CA ILE E 77 24.22 18.37 4.12
C ILE E 77 25.58 17.65 4.17
N PRO E 78 26.50 18.11 5.07
CA PRO E 78 27.82 17.46 5.13
C PRO E 78 27.73 15.97 5.37
N GLY E 79 28.48 15.20 4.58
CA GLY E 79 28.41 13.74 4.59
C GLY E 79 27.46 13.13 3.57
N LEU E 80 26.56 13.94 3.00
CA LEU E 80 25.58 13.46 2.03
C LEU E 80 25.85 14.06 0.63
N GLU E 81 27.11 14.26 0.30
CA GLU E 81 27.47 14.80 -1.01
C GLU E 81 27.25 13.78 -2.13
N ASN E 82 27.22 12.49 -1.79
CA ASN E 82 26.81 11.46 -2.73
C ASN E 82 25.64 10.72 -2.09
N PRO E 83 24.45 11.32 -2.14
CA PRO E 83 23.31 10.88 -1.34
C PRO E 83 22.57 9.67 -1.91
N THR E 84 23.29 8.57 -2.07
CA THR E 84 22.65 7.30 -2.39
C THR E 84 21.89 6.79 -1.16
N SER E 85 21.00 5.83 -1.37
CA SER E 85 20.30 5.17 -0.26
C SER E 85 21.29 4.51 0.70
N GLU E 86 22.34 3.95 0.13
CA GLU E 86 23.38 3.31 0.92
C GLU E 86 24.09 4.31 1.83
N VAL E 87 24.47 5.46 1.29
CA VAL E 87 25.21 6.47 2.05
C VAL E 87 24.30 7.09 3.12
N LEU E 88 23.06 7.36 2.73
CA LEU E 88 22.06 7.93 3.62
C LEU E 88 21.77 7.03 4.83
N ALA E 89 21.65 5.73 4.61
CA ALA E 89 21.36 4.78 5.69
C ALA E 89 22.50 4.76 6.71
N LYS E 90 23.72 4.73 6.21
CA LYS E 90 24.94 4.80 7.05
C LYS E 90 25.03 6.14 7.76
N TRP E 91 24.73 7.21 7.04
CA TRP E 91 24.77 8.55 7.62
C TRP E 91 23.75 8.64 8.75
N ILE E 92 22.56 8.09 8.55
CA ILE E 92 21.51 8.11 9.58
C ILE E 92 21.93 7.28 10.79
N TRP E 93 22.45 6.08 10.55
CA TRP E 93 23.02 5.28 11.62
C TRP E 93 24.00 6.10 12.45
N ASP E 94 24.99 6.70 11.78
CA ASP E 94 26.02 7.51 12.46
C ASP E 94 25.45 8.62 13.34
N GLN E 95 24.40 9.29 12.87
CA GLN E 95 23.73 10.34 13.65
C GLN E 95 22.93 9.78 14.83
N VAL E 96 22.29 8.63 14.65
CA VAL E 96 21.31 8.13 15.62
C VAL E 96 21.91 7.13 16.63
N LYS E 97 22.86 6.33 16.18
CA LYS E 97 23.52 5.35 17.05
C LYS E 97 24.01 5.92 18.41
N PRO E 98 24.62 7.13 18.41
CA PRO E 98 25.13 7.67 19.68
C PRO E 98 24.05 7.95 20.73
N VAL E 99 22.84 8.29 20.26
CA VAL E 99 21.71 8.58 21.15
C VAL E 99 20.79 7.38 21.34
N VAL E 100 20.81 6.44 20.40
CA VAL E 100 20.07 5.20 20.53
C VAL E 100 21.05 4.02 20.43
N PRO E 101 21.72 3.68 21.55
CA PRO E 101 22.73 2.61 21.49
C PRO E 101 22.16 1.23 21.15
N LEU E 102 20.86 1.02 21.38
CA LEU E 102 20.20 -0.23 21.02
C LEU E 102 19.89 -0.34 19.52
N LEU E 103 20.20 0.71 18.74
CA LEU E 103 19.98 0.68 17.30
C LEU E 103 20.68 -0.51 16.64
N SER E 104 19.92 -1.26 15.86
CA SER E 104 20.44 -2.50 15.24
C SER E 104 20.34 -2.50 13.72
N ALA E 105 19.60 -1.57 13.13
CA ALA E 105 19.52 -1.45 11.67
C ALA E 105 18.83 -0.17 11.24
N VAL E 106 19.27 0.35 10.09
CA VAL E 106 18.57 1.44 9.43
C VAL E 106 18.25 1.04 7.99
N VAL E 108 16.56 2.58 4.53
CA VAL E 108 15.92 3.63 3.75
C VAL E 108 15.39 3.15 2.41
N LYS E 109 14.18 3.60 2.11
CA LYS E 109 13.55 3.33 0.84
C LYS E 109 13.34 4.67 0.12
N GLU E 110 13.93 4.77 -1.07
CA GLU E 110 13.74 5.93 -1.96
C GLU E 110 12.39 5.90 -2.59
N THR E 111 11.96 4.69 -2.96
CA THR E 111 10.62 4.47 -3.47
C THR E 111 10.02 3.27 -2.75
N CYS E 112 8.75 2.98 -3.00
N CYS E 112 8.74 2.99 -3.02
CA CYS E 112 8.09 1.85 -2.35
CA CYS E 112 8.06 1.86 -2.40
C CYS E 112 8.62 0.48 -2.82
C CYS E 112 8.64 0.49 -2.81
N THR E 113 9.38 0.46 -3.91
CA THR E 113 9.91 -0.80 -4.49
C THR E 113 11.43 -0.99 -4.45
N ALA E 114 12.17 -0.06 -3.84
CA ALA E 114 13.63 -0.14 -3.79
C ALA E 114 14.17 0.42 -2.50
N GLY E 115 15.16 -0.25 -1.93
CA GLY E 115 15.69 0.13 -0.64
C GLY E 115 16.97 -0.54 -0.23
N CYS E 116 17.52 -0.03 0.87
CA CYS E 116 18.78 -0.47 1.43
C CYS E 116 18.64 -0.64 2.94
N ILE E 117 19.26 -1.68 3.50
CA ILE E 117 19.32 -1.90 4.95
C ILE E 117 20.79 -1.91 5.39
N TYR E 118 21.11 -1.04 6.34
CA TYR E 118 22.45 -0.93 6.90
C TYR E 118 22.41 -1.37 8.36
N ARG E 119 23.32 -2.28 8.72
CA ARG E 119 23.31 -2.87 10.06
C ARG E 119 24.47 -2.47 10.97
N GLY E 120 25.54 -1.88 10.44
CA GLY E 120 26.54 -1.20 11.28
C GLY E 120 27.44 -2.10 12.10
N THR F 4 -18.88 4.11 -18.17
CA THR F 4 -17.59 3.42 -17.85
C THR F 4 -16.41 4.39 -17.76
N THR F 5 -15.70 4.35 -16.65
CA THR F 5 -14.51 5.15 -16.43
C THR F 5 -13.31 4.22 -16.30
N LEU F 6 -12.21 4.59 -16.94
CA LEU F 6 -10.97 3.84 -16.89
C LEU F 6 -9.91 4.74 -16.29
N PHE F 7 -8.93 4.16 -15.58
CA PHE F 7 -7.79 4.95 -15.08
C PHE F 7 -6.48 4.18 -15.08
N LYS F 8 -5.41 4.94 -14.96
CA LYS F 8 -4.05 4.41 -14.90
C LYS F 8 -3.22 5.31 -13.98
N ASP F 9 -2.45 4.69 -13.09
CA ASP F 9 -1.60 5.42 -12.15
C ASP F 9 -0.14 5.34 -12.54
N PHE F 10 0.55 6.47 -12.35
CA PHE F 10 1.96 6.61 -12.67
C PHE F 10 2.63 7.27 -11.47
N THR F 11 3.88 6.92 -11.21
CA THR F 11 4.63 7.55 -10.13
C THR F 11 5.92 8.09 -10.71
N PHE F 12 6.24 9.32 -10.33
CA PHE F 12 7.47 9.96 -10.78
C PHE F 12 8.16 10.63 -9.60
N GLU F 13 9.48 10.68 -9.69
CA GLU F 13 10.33 11.12 -8.59
C GLU F 13 10.91 12.47 -9.00
N ALA F 14 10.52 13.54 -8.31
CA ALA F 14 10.95 14.87 -8.75
C ALA F 14 11.22 15.84 -7.61
N ALA F 15 11.92 16.91 -7.96
CA ALA F 15 12.16 18.01 -7.03
C ALA F 15 11.26 19.19 -7.42
N HIS F 16 10.91 19.98 -6.41
CA HIS F 16 10.29 21.28 -6.63
C HIS F 16 10.52 22.19 -5.45
N ARG F 17 10.20 23.47 -5.63
CA ARG F 17 10.13 24.40 -4.51
C ARG F 17 9.01 25.38 -4.80
N LEU F 18 8.31 25.79 -3.75
CA LEU F 18 7.19 26.70 -3.92
C LEU F 18 7.71 28.13 -3.68
N PRO F 19 7.72 28.97 -4.73
CA PRO F 19 8.31 30.31 -4.63
C PRO F 19 7.42 31.35 -3.98
N HIS F 20 6.10 31.11 -3.93
CA HIS F 20 5.17 32.10 -3.40
C HIS F 20 4.60 31.73 -2.03
N VAL F 21 5.34 30.97 -1.24
CA VAL F 21 4.92 30.68 0.12
C VAL F 21 5.57 31.69 1.09
N PRO F 22 4.93 31.92 2.25
CA PRO F 22 5.53 32.82 3.24
C PRO F 22 6.94 32.39 3.63
N GLU F 23 7.90 33.31 3.47
CA GLU F 23 9.28 33.12 3.87
C GLU F 23 9.40 32.27 5.15
N GLY F 24 10.26 31.26 5.11
CA GLY F 24 10.49 30.41 6.29
C GLY F 24 9.78 29.07 6.26
N HIS F 25 8.65 28.98 5.58
N HIS F 25 8.66 28.99 5.55
CA HIS F 25 7.92 27.71 5.47
CA HIS F 25 7.92 27.74 5.38
C HIS F 25 8.74 26.70 4.69
C HIS F 25 8.80 26.70 4.69
N LYS F 26 8.78 25.47 5.20
CA LYS F 26 9.65 24.42 4.67
C LYS F 26 9.39 24.05 3.21
N CYS F 27 8.19 24.34 2.71
N CYS F 27 8.21 24.35 2.69
CA CYS F 27 7.83 24.08 1.31
CA CYS F 27 7.89 24.06 1.30
C CYS F 27 8.52 25.04 0.33
C CYS F 27 8.51 25.05 0.31
N GLY F 28 9.05 26.15 0.84
CA GLY F 28 9.79 27.11 0.04
C GLY F 28 11.24 26.71 -0.19
N ARG F 29 11.73 25.73 0.58
CA ARG F 29 13.09 25.22 0.43
C ARG F 29 13.10 24.17 -0.68
N LEU F 30 14.24 23.98 -1.32
CA LEU F 30 14.38 22.99 -2.36
C LEU F 30 14.13 21.62 -1.72
N HIS F 31 13.22 20.85 -2.31
CA HIS F 31 12.91 19.51 -1.82
C HIS F 31 12.25 18.70 -2.92
N GLY F 32 11.64 17.57 -2.59
CA GLY F 32 10.99 16.76 -3.60
C GLY F 32 10.03 15.72 -3.03
N HIS F 33 9.42 14.97 -3.95
CA HIS F 33 8.42 13.98 -3.58
C HIS F 33 8.42 12.83 -4.56
N SER F 34 7.86 11.70 -4.12
CA SER F 34 7.41 10.65 -5.03
C SER F 34 5.97 11.00 -5.39
N PHE F 35 5.79 11.63 -6.55
CA PHE F 35 4.49 12.06 -7.01
C PHE F 35 3.74 10.91 -7.66
N VAL F 37 0.42 10.19 -10.16
CA VAL F 37 -0.60 10.77 -11.04
C VAL F 37 -1.56 9.68 -11.53
N ARG F 38 -2.85 10.02 -11.58
CA ARG F 38 -3.89 9.14 -12.10
C ARG F 38 -4.59 9.85 -13.25
N LEU F 39 -4.54 9.25 -14.43
CA LEU F 39 -5.29 9.74 -15.57
C LEU F 39 -6.59 8.98 -15.71
N GLU F 40 -7.69 9.72 -15.67
CA GLU F 40 -9.02 9.16 -15.82
C GLU F 40 -9.51 9.44 -17.24
N ILE F 41 -10.07 8.44 -17.90
CA ILE F 41 -10.79 8.69 -19.15
C ILE F 41 -12.19 8.11 -19.03
N THR F 42 -13.15 8.77 -19.67
CA THR F 42 -14.52 8.31 -19.69
C THR F 42 -14.94 8.21 -21.15
N GLY F 43 -15.68 7.15 -21.48
CA GLY F 43 -16.13 6.97 -22.86
C GLY F 43 -16.76 5.63 -23.15
N GLU F 44 -16.84 5.30 -24.44
CA GLU F 44 -17.56 4.13 -24.92
C GLU F 44 -16.64 2.92 -24.99
N VAL F 45 -17.13 1.79 -24.49
CA VAL F 45 -16.45 0.51 -24.63
C VAL F 45 -16.89 -0.05 -25.97
N ASP F 46 -15.93 -0.31 -26.87
CA ASP F 46 -16.25 -0.91 -28.16
C ASP F 46 -16.76 -2.33 -27.93
N PRO F 47 -17.82 -2.75 -28.64
CA PRO F 47 -18.29 -4.12 -28.42
C PRO F 47 -17.23 -5.18 -28.71
N HIS F 48 -16.41 -4.98 -29.74
CA HIS F 48 -15.49 -6.04 -30.17
C HIS F 48 -14.20 -6.09 -29.33
N THR F 49 -13.60 -4.94 -29.06
CA THR F 49 -12.35 -4.90 -28.29
C THR F 49 -12.59 -5.18 -26.81
N GLY F 50 -13.74 -4.75 -26.30
CA GLY F 50 -14.09 -4.92 -24.90
C GLY F 50 -13.51 -3.87 -23.97
N TRP F 51 -12.81 -2.88 -24.53
CA TRP F 51 -12.27 -1.78 -23.72
C TRP F 51 -12.56 -0.41 -24.35
N ILE F 52 -12.22 0.65 -23.62
CA ILE F 52 -12.30 2.02 -24.15
C ILE F 52 -11.06 2.25 -25.01
N ILE F 53 -9.90 2.27 -24.36
CA ILE F 53 -8.61 2.15 -25.03
C ILE F 53 -7.73 1.26 -24.16
N ASP F 54 -6.77 0.60 -24.78
CA ASP F 54 -5.81 -0.25 -24.08
C ASP F 54 -5.08 0.55 -23.01
N PHE F 55 -4.89 -0.02 -21.82
CA PHE F 55 -4.14 0.65 -20.76
C PHE F 55 -2.79 1.12 -21.30
N ALA F 56 -2.16 0.28 -22.10
CA ALA F 56 -0.84 0.57 -22.68
C ALA F 56 -0.84 1.76 -23.67
N GLU F 57 -1.99 2.02 -24.30
CA GLU F 57 -2.11 3.16 -25.22
C GLU F 57 -2.11 4.48 -24.44
N LEU F 58 -2.87 4.50 -23.34
CA LEU F 58 -2.89 5.60 -22.39
C LEU F 58 -1.51 5.86 -21.76
N LYS F 59 -0.79 4.79 -21.46
CA LYS F 59 0.58 4.90 -20.97
C LYS F 59 1.46 5.54 -22.04
N ALA F 60 1.33 5.05 -23.27
CA ALA F 60 2.11 5.54 -24.40
C ALA F 60 1.81 7.00 -24.70
N ALA F 61 0.54 7.39 -24.60
CA ALA F 61 0.15 8.78 -24.80
C ALA F 61 0.71 9.70 -23.71
N PHE F 62 0.83 9.19 -22.49
CA PHE F 62 1.35 9.97 -21.37
C PHE F 62 2.87 10.04 -21.33
N LYS F 63 3.53 9.03 -21.90
CA LYS F 63 4.98 8.85 -21.80
C LYS F 63 5.83 10.11 -22.05
N PRO F 64 5.58 10.86 -23.14
CA PRO F 64 6.40 12.06 -23.38
C PRO F 64 6.31 13.09 -22.26
N THR F 65 5.10 13.38 -21.80
CA THR F 65 4.90 14.20 -20.61
C THR F 65 5.54 13.56 -19.39
N TYR F 66 5.33 12.25 -19.20
CA TYR F 66 5.89 11.56 -18.03
C TYR F 66 7.40 11.74 -17.91
N GLU F 67 8.09 11.67 -19.05
CA GLU F 67 9.55 11.75 -19.09
C GLU F 67 10.07 13.15 -18.74
N ARG F 68 9.25 14.17 -19.00
CA ARG F 68 9.60 15.54 -18.64
C ARG F 68 9.47 15.78 -17.13
N LEU F 69 8.61 15.00 -16.47
CA LEU F 69 8.40 15.13 -15.03
C LEU F 69 9.34 14.26 -14.21
N ASP F 70 9.57 13.04 -14.67
CA ASP F 70 10.31 12.07 -13.85
C ASP F 70 11.80 12.37 -13.74
N HIS F 71 12.34 12.26 -12.52
CA HIS F 71 13.74 12.52 -12.25
C HIS F 71 14.16 13.88 -12.82
N HIS F 72 13.36 14.89 -12.47
CA HIS F 72 13.56 16.25 -12.94
C HIS F 72 13.19 17.24 -11.85
N TYR F 73 13.54 18.49 -12.11
CA TYR F 73 13.20 19.61 -11.25
C TYR F 73 12.05 20.35 -11.93
N LEU F 74 10.90 20.36 -11.28
CA LEU F 74 9.66 20.85 -11.91
C LEU F 74 9.68 22.33 -12.30
N ASN F 75 10.35 23.16 -11.50
CA ASN F 75 10.36 24.60 -11.74
C ASN F 75 11.02 25.01 -13.06
N ASP F 76 11.92 24.15 -13.56
CA ASP F 76 12.54 24.37 -14.87
C ASP F 76 11.61 24.15 -16.06
N ILE F 77 10.45 23.53 -15.83
CA ILE F 77 9.53 23.22 -16.92
C ILE F 77 8.59 24.39 -17.11
N PRO F 78 8.45 24.88 -18.37
CA PRO F 78 7.54 25.99 -18.61
C PRO F 78 6.09 25.65 -18.23
N GLY F 79 5.44 26.57 -17.52
CA GLY F 79 4.12 26.34 -16.95
C GLY F 79 4.15 25.84 -15.50
N LEU F 80 5.32 25.42 -15.01
CA LEU F 80 5.43 24.87 -13.66
C LEU F 80 6.35 25.69 -12.74
N GLU F 81 6.36 27.00 -12.90
CA GLU F 81 7.19 27.87 -12.08
C GLU F 81 6.66 28.00 -10.65
N ASN F 82 5.36 27.79 -10.47
CA ASN F 82 4.77 27.62 -9.14
C ASN F 82 4.17 26.21 -9.07
N PRO F 83 5.04 25.20 -8.92
CA PRO F 83 4.65 23.80 -9.09
C PRO F 83 3.92 23.20 -7.88
N THR F 84 2.74 23.73 -7.58
CA THR F 84 1.89 23.13 -6.56
C THR F 84 1.16 21.93 -7.18
N SER F 85 0.57 21.13 -6.32
CA SER F 85 -0.26 20.00 -6.74
C SER F 85 -1.41 20.42 -7.68
N GLU F 86 -2.03 21.56 -7.39
CA GLU F 86 -3.14 22.08 -8.19
C GLU F 86 -2.67 22.52 -9.57
N VAL F 87 -1.59 23.28 -9.61
CA VAL F 87 -1.04 23.77 -10.88
C VAL F 87 -0.58 22.58 -11.72
N LEU F 88 0.06 21.61 -11.09
CA LEU F 88 0.57 20.42 -11.77
C LEU F 88 -0.53 19.55 -12.38
N ALA F 89 -1.64 19.39 -11.65
CA ALA F 89 -2.79 18.63 -12.16
C ALA F 89 -3.38 19.28 -13.41
N LYS F 90 -3.51 20.61 -13.37
CA LYS F 90 -4.02 21.38 -14.51
C LYS F 90 -3.04 21.33 -15.68
N TRP F 91 -1.76 21.58 -15.39
CA TRP F 91 -0.72 21.45 -16.39
C TRP F 91 -0.78 20.08 -17.09
N ILE F 92 -0.81 19.00 -16.30
CA ILE F 92 -0.86 17.65 -16.86
C ILE F 92 -2.08 17.53 -17.77
N TRP F 93 -3.25 17.95 -17.28
CA TRP F 93 -4.46 17.98 -18.10
C TRP F 93 -4.22 18.67 -19.45
N ASP F 94 -3.60 19.85 -19.41
CA ASP F 94 -3.36 20.64 -20.63
C ASP F 94 -2.40 19.95 -21.61
N GLN F 95 -1.49 19.12 -21.10
CA GLN F 95 -0.55 18.36 -21.95
C GLN F 95 -1.18 17.13 -22.56
N VAL F 96 -2.07 16.48 -21.81
CA VAL F 96 -2.58 15.17 -22.19
C VAL F 96 -3.90 15.24 -22.95
N LYS F 97 -4.79 16.16 -22.55
CA LYS F 97 -6.09 16.30 -23.19
C LYS F 97 -5.99 16.35 -24.72
N PRO F 98 -4.99 17.07 -25.27
CA PRO F 98 -4.73 17.03 -26.71
C PRO F 98 -4.51 15.63 -27.29
N VAL F 99 -3.69 14.82 -26.65
CA VAL F 99 -3.41 13.47 -27.17
C VAL F 99 -4.42 12.43 -26.68
N VAL F 100 -5.10 12.70 -25.56
CA VAL F 100 -6.12 11.79 -25.02
C VAL F 100 -7.45 12.53 -24.88
N PRO F 101 -8.20 12.66 -25.99
CA PRO F 101 -9.47 13.41 -26.00
C PRO F 101 -10.49 12.95 -24.97
N LEU F 102 -10.49 11.65 -24.65
CA LEU F 102 -11.43 11.07 -23.69
C LEU F 102 -11.08 11.37 -22.22
N LEU F 103 -9.95 12.04 -21.97
CA LEU F 103 -9.49 12.37 -20.62
C LEU F 103 -10.57 13.15 -19.86
N SER F 104 -10.89 12.70 -18.64
CA SER F 104 -11.95 13.31 -17.84
C SER F 104 -11.51 13.72 -16.42
N ALA F 105 -10.31 13.32 -15.98
CA ALA F 105 -9.75 13.79 -14.70
C ALA F 105 -8.26 13.49 -14.54
N VAL F 106 -7.58 14.36 -13.80
CA VAL F 106 -6.19 14.13 -13.41
C VAL F 106 -6.04 14.30 -11.90
N VAL F 108 -3.29 14.28 -8.79
CA VAL F 108 -1.89 14.31 -8.38
C VAL F 108 -1.80 14.14 -6.87
N LYS F 109 -1.04 13.14 -6.44
CA LYS F 109 -0.73 12.92 -5.04
C LYS F 109 0.72 13.27 -4.81
N GLU F 110 0.93 14.22 -3.90
CA GLU F 110 2.25 14.71 -3.61
C GLU F 110 2.93 13.75 -2.64
N THR F 111 2.19 13.38 -1.60
CA THR F 111 2.60 12.36 -0.65
C THR F 111 1.55 11.26 -0.66
N CYS F 112 1.73 10.25 0.17
CA CYS F 112 0.74 9.18 0.28
C CYS F 112 -0.59 9.64 0.90
N THR F 113 -0.59 10.79 1.58
CA THR F 113 -1.77 11.28 2.32
C THR F 113 -2.37 12.61 1.81
N ALA F 114 -1.76 13.22 0.80
CA ALA F 114 -2.17 14.56 0.36
C ALA F 114 -2.24 14.63 -1.17
N GLY F 115 -3.38 15.08 -1.69
CA GLY F 115 -3.57 15.15 -3.14
C GLY F 115 -4.57 16.15 -3.67
N CYS F 116 -4.54 16.33 -4.99
CA CYS F 116 -5.44 17.21 -5.71
C CYS F 116 -6.07 16.51 -6.90
N ILE F 117 -7.32 16.84 -7.20
CA ILE F 117 -8.02 16.33 -8.37
C ILE F 117 -8.52 17.47 -9.25
N TYR F 118 -8.19 17.42 -10.54
CA TYR F 118 -8.63 18.45 -11.50
C TYR F 118 -9.48 17.85 -12.62
N ARG F 119 -10.43 18.66 -13.13
CA ARG F 119 -11.31 18.27 -14.23
C ARG F 119 -11.48 19.37 -15.29
N GLY F 120 -12.37 20.34 -15.04
CA GLY F 120 -12.77 21.30 -16.07
C GLY F 120 -13.15 22.68 -15.55
N GLU F 121 -12.15 23.55 -15.44
CA GLU F 121 -12.35 24.95 -15.08
C GLU F 121 -12.09 25.83 -16.29
#